data_8YLC
#
_entry.id   8YLC
#
_cell.length_a   57.901
_cell.length_b   78.791
_cell.length_c   162.394
_cell.angle_alpha   90.000
_cell.angle_beta   90.000
_cell.angle_gamma   90.000
#
_symmetry.space_group_name_H-M   'P 21 21 21'
#
loop_
_entity.id
_entity.type
_entity.pdbx_description
1 polymer "3',5'-cyclic-AMP phosphodiesterase 4D"
2 non-polymer 'ZINC ION'
3 non-polymer 'MAGNESIUM ION'
4 non-polymer 8-[5-[5,7-bis(oxidanyl)-4-oxidanylidene-chromen-2-yl]-2-oxidanyl-phenyl]-2-(4-hydroxyphenyl)-5,7-bis(oxidanyl)chromen-4-one
5 water water
#
_entity_poly.entity_id   1
_entity_poly.type   'polypeptide(L)'
_entity_poly.pdbx_seq_one_letter_code
;MASNKFKRMLNRELTHLSEMSRSGNQVSEFISNTFLDKQHEVEIPSPTQKEKEKKKRPMSQISGVKKLMHSSSLTNSSIP
RFGVKTEQEDVLAKELEDVNKWGLHVFRIAELSGNRPLTVIMHTIFQERDLLKTFKIPVDTLITYLMTLEDHYHADVAYH
NNIHAADVVQSTHVLLSTPALEAVFTDLEILAAIFASAIHDVDHPGVSNQFLINTNSELALMYNDSSVLENHHLAVGFKL
LQEENCDIFQNLTKKQRQSLRKMVIDIVLATDMSKHMNLLADLKTMVETKKVTSSGVLLLDNYSDRIQVLQNMVHCADLS
NPTKPLQLYRQWTDRIMEEFFRQGDRERERGMEISPMCDKHNASVEKSQVGFIDYIVHPLWETWADLVHPDAQDILDTLE
DNREWYQSTIPQSPSPAPDDPEEGRQGQTEKFQFELTLEEDGESDTEKDSGSQVEEDTSCSDSKTLCTQDSESTEIPLDE
QVEEEAVGEEEESQPEACVIDDRSPD
;
_entity_poly.pdbx_strand_id   A,B
#
# COMPACT_ATOMS: atom_id res chain seq x y z
N GLN A 88 -8.63 34.33 -29.64
CA GLN A 88 -8.85 33.18 -28.77
C GLN A 88 -7.59 32.77 -28.01
N GLU A 89 -6.43 32.78 -28.69
CA GLU A 89 -5.17 32.63 -27.97
C GLU A 89 -4.84 33.87 -27.16
N ASP A 90 -5.35 35.03 -27.59
CA ASP A 90 -5.22 36.25 -26.81
C ASP A 90 -6.07 36.21 -25.57
N VAL A 91 -7.28 35.65 -25.67
CA VAL A 91 -8.17 35.59 -24.50
C VAL A 91 -7.67 34.55 -23.51
N LEU A 92 -7.21 33.40 -24.01
CA LEU A 92 -6.63 32.38 -23.12
C LEU A 92 -5.45 32.94 -22.35
N ALA A 93 -4.55 33.63 -23.05
CA ALA A 93 -3.38 34.21 -22.40
C ALA A 93 -3.77 35.22 -21.32
N LYS A 94 -4.90 35.91 -21.50
CA LYS A 94 -5.34 36.90 -20.51
C LYS A 94 -5.96 36.23 -19.29
N GLU A 95 -6.75 35.17 -19.51
CA GLU A 95 -7.25 34.40 -18.37
C GLU A 95 -6.10 33.80 -17.58
N LEU A 96 -5.04 33.38 -18.27
CA LEU A 96 -3.89 32.80 -17.61
C LEU A 96 -3.07 33.82 -16.81
N GLU A 97 -3.35 35.11 -16.97
CA GLU A 97 -2.76 36.10 -16.07
C GLU A 97 -3.29 35.96 -14.65
N ASP A 98 -4.45 35.32 -14.47
CA ASP A 98 -5.05 35.11 -13.16
C ASP A 98 -4.53 33.85 -12.48
N VAL A 99 -3.38 33.33 -12.91
CA VAL A 99 -2.92 32.03 -12.41
C VAL A 99 -2.55 32.08 -10.93
N ASN A 100 -2.28 33.27 -10.38
CA ASN A 100 -1.95 33.40 -8.98
C ASN A 100 -3.15 33.75 -8.11
N LYS A 101 -4.37 33.68 -8.66
CA LYS A 101 -5.56 34.14 -7.97
C LYS A 101 -6.48 32.98 -7.63
N TRP A 102 -7.03 33.03 -6.43
CA TRP A 102 -8.16 32.16 -6.09
C TRP A 102 -9.36 32.55 -6.94
N GLY A 103 -10.07 31.53 -7.44
CA GLY A 103 -11.21 31.79 -8.29
C GLY A 103 -10.89 31.99 -9.76
N LEU A 104 -9.71 31.55 -10.21
CA LEU A 104 -9.39 31.51 -11.64
C LEU A 104 -10.54 30.86 -12.41
N HIS A 105 -10.86 31.44 -13.57
CA HIS A 105 -11.90 30.89 -14.44
C HIS A 105 -11.34 29.65 -15.14
N VAL A 106 -11.27 28.55 -14.39
CA VAL A 106 -10.63 27.34 -14.90
C VAL A 106 -11.48 26.69 -15.99
N PHE A 107 -12.79 26.89 -15.95
CA PHE A 107 -13.65 26.25 -16.95
C PHE A 107 -13.57 26.98 -18.29
N ARG A 108 -13.47 28.31 -18.27
CA ARG A 108 -13.20 29.04 -19.50
C ARG A 108 -11.86 28.65 -20.09
N ILE A 109 -10.83 28.53 -19.24
CA ILE A 109 -9.51 28.13 -19.70
C ILE A 109 -9.55 26.73 -20.32
N ALA A 110 -10.41 25.85 -19.79
CA ALA A 110 -10.61 24.55 -20.42
C ALA A 110 -11.14 24.70 -21.83
N GLU A 111 -12.17 25.53 -22.00
CA GLU A 111 -12.71 25.80 -23.33
C GLU A 111 -11.67 26.45 -24.24
N LEU A 112 -11.07 27.55 -23.76
CA LEU A 112 -10.19 28.36 -24.61
C LEU A 112 -8.91 27.63 -25.00
N SER A 113 -8.52 26.59 -24.27
CA SER A 113 -7.29 25.85 -24.55
C SER A 113 -7.54 24.57 -25.34
N GLY A 114 -8.75 24.35 -25.82
CA GLY A 114 -9.07 23.11 -26.52
C GLY A 114 -9.16 21.92 -25.60
N ASN A 115 -9.81 22.08 -24.45
CA ASN A 115 -9.84 21.06 -23.40
C ASN A 115 -8.43 20.65 -22.99
N ARG A 116 -7.56 21.64 -22.83
CA ARG A 116 -6.23 21.40 -22.28
C ARG A 116 -5.96 22.28 -21.06
N PRO A 117 -6.84 22.32 -20.06
CA PRO A 117 -6.55 23.19 -18.90
C PRO A 117 -5.33 22.73 -18.12
N LEU A 118 -5.13 21.41 -17.97
CA LEU A 118 -4.00 20.93 -17.19
C LEU A 118 -2.67 21.30 -17.83
N THR A 119 -2.58 21.17 -19.16
CA THR A 119 -1.32 21.45 -19.84
C THR A 119 -0.95 22.93 -19.75
N VAL A 120 -1.88 23.82 -20.09
CA VAL A 120 -1.55 25.24 -20.16
C VAL A 120 -1.38 25.84 -18.78
N ILE A 121 -2.13 25.35 -17.79
CA ILE A 121 -2.01 25.90 -16.43
C ILE A 121 -0.72 25.41 -15.79
N MET A 122 -0.36 24.14 -16.00
CA MET A 122 0.93 23.65 -15.53
C MET A 122 2.09 24.40 -16.19
N HIS A 123 2.01 24.56 -17.51
CA HIS A 123 3.06 25.29 -18.23
C HIS A 123 3.19 26.71 -17.70
N THR A 124 2.06 27.40 -17.50
CA THR A 124 2.09 28.76 -17.00
C THR A 124 2.69 28.83 -15.61
N ILE A 125 2.33 27.90 -14.74
CA ILE A 125 2.86 27.89 -13.37
C ILE A 125 4.36 27.61 -13.38
N PHE A 126 4.80 26.67 -14.22
CA PHE A 126 6.22 26.36 -14.30
C PHE A 126 7.01 27.57 -14.80
N GLN A 127 6.47 28.32 -15.76
CA GLN A 127 7.07 29.58 -16.16
C GLN A 127 7.09 30.57 -15.00
N GLU A 128 5.93 30.76 -14.36
CA GLU A 128 5.81 31.72 -13.27
C GLU A 128 6.82 31.45 -12.16
N ARG A 129 6.96 30.17 -11.78
CA ARG A 129 7.90 29.78 -10.74
C ARG A 129 9.31 29.53 -11.26
N ASP A 130 9.52 29.69 -12.57
CA ASP A 130 10.85 29.52 -13.18
C ASP A 130 11.39 28.12 -12.94
N LEU A 131 10.51 27.13 -13.04
CA LEU A 131 10.89 25.74 -12.76
C LEU A 131 11.57 25.06 -13.94
N LEU A 132 11.32 25.50 -15.16
CA LEU A 132 12.00 24.90 -16.31
C LEU A 132 13.49 25.16 -16.26
N LYS A 133 13.90 26.35 -15.81
CA LYS A 133 15.32 26.67 -15.75
C LYS A 133 15.95 26.12 -14.47
N THR A 134 15.20 26.12 -13.37
CA THR A 134 15.73 25.58 -12.11
C THR A 134 16.09 24.10 -12.26
N PHE A 135 15.22 23.32 -12.89
CA PHE A 135 15.42 21.89 -13.02
C PHE A 135 15.77 21.47 -14.45
N LYS A 136 16.20 22.42 -15.29
CA LYS A 136 16.60 22.17 -16.67
C LYS A 136 15.56 21.31 -17.41
N ILE A 137 14.29 21.66 -17.23
CA ILE A 137 13.21 20.95 -17.91
C ILE A 137 13.07 21.51 -19.31
N PRO A 138 13.34 20.74 -20.36
CA PRO A 138 13.13 21.25 -21.72
C PRO A 138 11.66 21.48 -21.99
N VAL A 139 11.36 22.56 -22.71
CA VAL A 139 9.97 22.99 -22.89
C VAL A 139 9.16 21.95 -23.64
N ASP A 140 9.72 21.41 -24.72
CA ASP A 140 8.99 20.40 -25.49
C ASP A 140 8.75 19.14 -24.68
N THR A 141 9.69 18.78 -23.80
CA THR A 141 9.47 17.64 -22.92
C THR A 141 8.33 17.91 -21.95
N LEU A 142 8.25 19.12 -21.42
CA LEU A 142 7.18 19.48 -20.50
C LEU A 142 5.82 19.37 -21.18
N ILE A 143 5.66 20.04 -22.33
CA ILE A 143 4.40 20.00 -23.05
C ILE A 143 4.03 18.56 -23.40
N THR A 144 5.01 17.76 -23.83
CA THR A 144 4.74 16.40 -24.26
C THR A 144 4.22 15.55 -23.11
N TYR A 145 4.87 15.65 -21.94
CA TYR A 145 4.38 14.91 -20.78
C TYR A 145 3.00 15.41 -20.36
N LEU A 146 2.84 16.73 -20.28
CA LEU A 146 1.58 17.30 -19.80
C LEU A 146 0.40 16.87 -20.64
N MET A 147 0.57 16.83 -21.97
CA MET A 147 -0.53 16.42 -22.83
C MET A 147 -0.75 14.91 -22.77
N THR A 148 0.31 14.12 -22.56
CA THR A 148 0.13 12.69 -22.34
C THR A 148 -0.60 12.44 -21.02
N LEU A 149 -0.17 13.13 -19.96
CA LEU A 149 -0.84 13.02 -18.67
C LEU A 149 -2.30 13.45 -18.77
N GLU A 150 -2.54 14.61 -19.37
CA GLU A 150 -3.90 15.13 -19.51
C GLU A 150 -4.78 14.15 -20.29
N ASP A 151 -4.20 13.47 -21.28
CA ASP A 151 -4.96 12.50 -22.07
C ASP A 151 -5.48 11.37 -21.21
N HIS A 152 -4.72 10.96 -20.19
CA HIS A 152 -5.12 9.83 -19.38
C HIS A 152 -6.13 10.17 -18.30
N TYR A 153 -6.48 11.45 -18.15
CA TYR A 153 -7.72 11.81 -17.48
C TYR A 153 -8.88 11.55 -18.43
N HIS A 154 -10.00 11.08 -17.89
CA HIS A 154 -11.13 10.65 -18.70
C HIS A 154 -12.02 11.86 -19.00
N ALA A 155 -12.19 12.16 -20.30
CA ALA A 155 -13.03 13.28 -20.71
C ALA A 155 -14.52 12.97 -20.56
N ASP A 156 -14.90 11.73 -20.26
CA ASP A 156 -16.29 11.36 -20.05
C ASP A 156 -16.65 11.20 -18.58
N VAL A 157 -15.80 11.68 -17.68
CA VAL A 157 -16.07 11.69 -16.25
C VAL A 157 -16.34 13.13 -15.84
N ALA A 158 -17.48 13.35 -15.17
CA ALA A 158 -17.99 14.71 -15.00
C ALA A 158 -17.11 15.53 -14.09
N TYR A 159 -16.61 14.94 -13.00
CA TYR A 159 -15.83 15.68 -12.01
C TYR A 159 -14.35 15.32 -12.03
N HIS A 160 -14.02 14.04 -11.84
CA HIS A 160 -12.62 13.62 -11.70
C HIS A 160 -11.96 13.53 -13.08
N ASN A 161 -11.77 14.70 -13.68
CA ASN A 161 -11.19 14.79 -15.02
C ASN A 161 -10.01 15.75 -15.05
N ASN A 162 -9.56 16.13 -16.26
CA ASN A 162 -8.42 17.02 -16.40
C ASN A 162 -8.72 18.43 -15.92
N ILE A 163 -9.98 18.85 -15.89
CA ILE A 163 -10.32 20.16 -15.36
C ILE A 163 -10.13 20.18 -13.85
N HIS A 164 -10.51 19.08 -13.18
CA HIS A 164 -10.26 18.97 -11.74
C HIS A 164 -8.78 18.98 -11.43
N ALA A 165 -7.98 18.31 -12.26
CA ALA A 165 -6.54 18.27 -12.05
C ALA A 165 -5.93 19.65 -12.21
N ALA A 166 -6.31 20.37 -13.27
CA ALA A 166 -5.85 21.75 -13.45
C ALA A 166 -6.27 22.62 -12.29
N ASP A 167 -7.49 22.41 -11.77
CA ASP A 167 -7.97 23.20 -10.64
C ASP A 167 -7.14 22.95 -9.40
N VAL A 168 -6.86 21.68 -9.11
CA VAL A 168 -6.06 21.35 -7.92
C VAL A 168 -4.63 21.85 -8.09
N VAL A 169 -4.09 21.75 -9.30
CA VAL A 169 -2.76 22.27 -9.58
C VAL A 169 -2.69 23.76 -9.27
N GLN A 170 -3.65 24.51 -9.79
CA GLN A 170 -3.62 25.97 -9.63
C GLN A 170 -3.95 26.37 -8.20
N SER A 171 -4.85 25.63 -7.54
CA SER A 171 -5.15 25.92 -6.13
C SER A 171 -3.94 25.63 -5.26
N THR A 172 -3.25 24.51 -5.50
CA THR A 172 -2.01 24.23 -4.78
C THR A 172 -0.96 25.29 -5.08
N HIS A 173 -0.93 25.79 -6.31
CA HIS A 173 0.01 26.84 -6.67
C HIS A 173 -0.21 28.09 -5.83
N VAL A 174 -1.47 28.48 -5.63
CA VAL A 174 -1.78 29.65 -4.82
C VAL A 174 -1.45 29.39 -3.35
N LEU A 175 -1.80 28.20 -2.85
CA LEU A 175 -1.54 27.88 -1.45
C LEU A 175 -0.05 27.87 -1.14
N LEU A 176 0.79 27.51 -2.12
CA LEU A 176 2.23 27.52 -1.91
C LEU A 176 2.77 28.94 -1.77
N SER A 177 2.12 29.92 -2.40
CA SER A 177 2.61 31.29 -2.43
C SER A 177 2.18 32.11 -1.24
N THR A 178 1.52 31.50 -0.26
CA THR A 178 0.98 32.26 0.86
C THR A 178 2.11 32.86 1.68
N PRO A 179 1.94 34.09 2.20
CA PRO A 179 3.05 34.72 2.93
C PRO A 179 3.55 33.93 4.12
N ALA A 180 2.66 33.22 4.83
CA ALA A 180 3.08 32.44 6.00
C ALA A 180 4.03 31.31 5.65
N LEU A 181 4.24 31.03 4.35
CA LEU A 181 5.14 29.96 3.92
C LEU A 181 6.27 30.46 3.05
N GLU A 182 6.55 31.77 3.05
CA GLU A 182 7.63 32.33 2.25
C GLU A 182 8.95 31.65 2.56
N ALA A 183 9.57 31.08 1.53
CA ALA A 183 10.89 30.45 1.62
C ALA A 183 10.93 29.29 2.61
N VAL A 184 9.79 28.70 2.93
CA VAL A 184 9.79 27.49 3.77
C VAL A 184 10.20 26.28 2.97
N PHE A 185 9.61 26.11 1.79
CA PHE A 185 9.79 24.92 0.99
C PHE A 185 10.84 25.14 -0.09
N THR A 186 11.62 24.11 -0.36
CA THR A 186 12.63 24.16 -1.39
C THR A 186 11.99 24.05 -2.78
N ASP A 187 12.79 24.33 -3.81
CA ASP A 187 12.30 24.19 -5.18
C ASP A 187 11.86 22.76 -5.47
N LEU A 188 12.51 21.78 -4.86
CA LEU A 188 12.13 20.39 -5.09
C LEU A 188 10.78 20.07 -4.47
N GLU A 189 10.54 20.56 -3.25
CA GLU A 189 9.24 20.33 -2.60
C GLU A 189 8.13 21.05 -3.34
N ILE A 190 8.41 22.25 -3.85
CA ILE A 190 7.44 22.95 -4.69
C ILE A 190 7.15 22.15 -5.94
N LEU A 191 8.19 21.60 -6.57
CA LEU A 191 8.00 20.76 -7.75
C LEU A 191 7.17 19.52 -7.41
N ALA A 192 7.42 18.91 -6.24
CA ALA A 192 6.69 17.72 -5.86
C ALA A 192 5.22 18.00 -5.61
N ALA A 193 4.93 19.10 -4.90
CA ALA A 193 3.54 19.42 -4.59
C ALA A 193 2.74 19.72 -5.86
N ILE A 194 3.35 20.45 -6.79
CA ILE A 194 2.65 20.78 -8.03
C ILE A 194 2.50 19.54 -8.92
N PHE A 195 3.58 18.76 -9.04
CA PHE A 195 3.51 17.54 -9.84
C PHE A 195 2.48 16.57 -9.26
N ALA A 196 2.51 16.38 -7.93
CA ALA A 196 1.54 15.50 -7.29
C ALA A 196 0.12 15.97 -7.56
N SER A 197 -0.13 17.28 -7.49
CA SER A 197 -1.45 17.81 -7.79
C SER A 197 -1.86 17.48 -9.22
N ALA A 198 -0.91 17.46 -10.15
CA ALA A 198 -1.24 17.22 -11.54
C ALA A 198 -1.67 15.78 -11.78
N ILE A 199 -1.01 14.83 -11.13
CA ILE A 199 -1.25 13.41 -11.37
C ILE A 199 -2.19 12.79 -10.35
N HIS A 200 -2.70 13.59 -9.39
CA HIS A 200 -3.30 13.00 -8.20
C HIS A 200 -4.62 12.26 -8.48
N ASP A 201 -5.24 12.47 -9.64
CA ASP A 201 -6.48 11.79 -9.97
C ASP A 201 -6.45 11.20 -11.38
N VAL A 202 -5.27 11.00 -11.96
CA VAL A 202 -5.19 10.59 -13.36
C VAL A 202 -5.77 9.19 -13.52
N ASP A 203 -6.46 8.98 -14.64
CA ASP A 203 -7.11 7.70 -14.97
C ASP A 203 -8.18 7.33 -13.95
N HIS A 204 -8.80 8.34 -13.34
CA HIS A 204 -9.92 8.09 -12.44
C HIS A 204 -11.11 7.59 -13.24
N PRO A 205 -11.70 6.45 -12.88
CA PRO A 205 -12.83 5.90 -13.65
C PRO A 205 -14.19 6.47 -13.27
N GLY A 206 -14.26 7.40 -12.33
CA GLY A 206 -15.52 7.99 -11.92
C GLY A 206 -16.28 7.22 -10.87
N VAL A 207 -15.63 6.30 -10.17
CA VAL A 207 -16.27 5.50 -9.13
C VAL A 207 -15.34 5.43 -7.92
N SER A 208 -15.95 5.28 -6.74
CA SER A 208 -15.21 5.33 -5.49
C SER A 208 -14.30 4.11 -5.33
N ASN A 209 -13.38 4.22 -4.37
CA ASN A 209 -12.60 3.06 -3.95
C ASN A 209 -13.53 1.94 -3.48
N GLN A 210 -14.53 2.28 -2.67
CA GLN A 210 -15.44 1.29 -2.13
C GLN A 210 -16.20 0.56 -3.23
N PHE A 211 -16.59 1.29 -4.28
CA PHE A 211 -17.22 0.64 -5.43
C PHE A 211 -16.27 -0.34 -6.10
N LEU A 212 -15.00 0.07 -6.28
CA LEU A 212 -14.02 -0.82 -6.89
C LEU A 212 -13.76 -2.04 -6.02
N ILE A 213 -13.86 -1.89 -4.69
CA ILE A 213 -13.68 -3.02 -3.80
C ILE A 213 -14.88 -3.95 -3.86
N ASN A 214 -16.09 -3.37 -3.76
CA ASN A 214 -17.29 -4.19 -3.70
C ASN A 214 -17.62 -4.88 -5.01
N THR A 215 -17.17 -4.34 -6.14
CA THR A 215 -17.36 -4.98 -7.44
C THR A 215 -16.17 -5.84 -7.84
N ASN A 216 -15.28 -6.15 -6.90
CA ASN A 216 -14.13 -7.02 -7.13
C ASN A 216 -13.37 -6.62 -8.40
N SER A 217 -13.08 -5.32 -8.51
CA SER A 217 -12.44 -4.80 -9.69
C SER A 217 -10.99 -5.25 -9.78
N GLU A 218 -10.44 -5.18 -10.98
CA GLU A 218 -9.03 -5.50 -11.18
C GLU A 218 -8.13 -4.50 -10.45
N LEU A 219 -8.58 -3.26 -10.29
CA LEU A 219 -7.78 -2.26 -9.58
C LEU A 219 -7.72 -2.58 -8.09
N ALA A 220 -8.86 -2.88 -7.48
CA ALA A 220 -8.86 -3.28 -6.07
C ALA A 220 -8.13 -4.61 -5.88
N LEU A 221 -8.19 -5.49 -6.88
CA LEU A 221 -7.42 -6.72 -6.83
C LEU A 221 -5.92 -6.43 -6.84
N MET A 222 -5.48 -5.53 -7.71
CA MET A 222 -4.06 -5.20 -7.81
C MET A 222 -3.53 -4.61 -6.51
N TYR A 223 -4.32 -3.77 -5.86
CA TYR A 223 -3.84 -2.94 -4.76
C TYR A 223 -4.39 -3.35 -3.41
N ASN A 224 -5.00 -4.55 -3.31
CA ASN A 224 -5.36 -5.14 -2.02
C ASN A 224 -6.28 -4.21 -1.21
N ASP A 225 -7.19 -3.53 -1.90
CA ASP A 225 -8.28 -2.73 -1.31
C ASP A 225 -7.81 -1.49 -0.56
N SER A 226 -6.52 -1.16 -0.61
CA SER A 226 -5.97 -0.04 0.16
C SER A 226 -5.59 1.08 -0.80
N SER A 227 -6.25 2.23 -0.65
CA SER A 227 -6.00 3.41 -1.49
C SER A 227 -5.90 3.02 -2.96
N VAL A 228 -6.92 2.32 -3.43
CA VAL A 228 -6.87 1.69 -4.76
C VAL A 228 -6.68 2.75 -5.84
N LEU A 229 -7.53 3.77 -5.84
CA LEU A 229 -7.41 4.85 -6.83
C LEU A 229 -6.09 5.57 -6.67
N GLU A 230 -5.74 5.94 -5.43
CA GLU A 230 -4.58 6.80 -5.19
C GLU A 230 -3.28 6.12 -5.60
N ASN A 231 -3.12 4.84 -5.23
CA ASN A 231 -1.96 4.10 -5.72
C ASN A 231 -1.95 4.04 -7.24
N HIS A 232 -3.12 3.93 -7.86
CA HIS A 232 -3.20 3.82 -9.31
C HIS A 232 -2.86 5.15 -9.99
N HIS A 233 -3.35 6.26 -9.45
CA HIS A 233 -2.98 7.57 -9.97
C HIS A 233 -1.47 7.74 -9.97
N LEU A 234 -0.82 7.33 -8.88
CA LEU A 234 0.63 7.46 -8.77
C LEU A 234 1.33 6.60 -9.83
N ALA A 235 0.91 5.34 -9.95
CA ALA A 235 1.54 4.44 -10.92
C ALA A 235 1.44 5.00 -12.33
N VAL A 236 0.26 5.50 -12.71
CA VAL A 236 0.08 6.07 -14.04
C VAL A 236 0.93 7.33 -14.20
N GLY A 237 0.86 8.23 -13.22
CA GLY A 237 1.58 9.49 -13.33
C GLY A 237 3.07 9.30 -13.52
N PHE A 238 3.67 8.37 -12.77
CA PHE A 238 5.10 8.11 -12.94
C PHE A 238 5.38 7.31 -14.20
N LYS A 239 4.48 6.39 -14.56
CA LYS A 239 4.69 5.54 -15.74
C LYS A 239 4.81 6.38 -17.01
N LEU A 240 3.95 7.39 -17.16
CA LEU A 240 3.95 8.19 -18.37
C LEU A 240 5.20 9.04 -18.53
N LEU A 241 6.01 9.19 -17.48
CA LEU A 241 7.31 9.82 -17.63
C LEU A 241 8.24 9.02 -18.54
N GLN A 242 7.95 7.73 -18.74
CA GLN A 242 8.77 6.86 -19.56
C GLN A 242 8.42 6.93 -21.04
N GLU A 243 7.31 7.55 -21.41
CA GLU A 243 6.96 7.69 -22.81
C GLU A 243 7.96 8.60 -23.52
N GLU A 244 7.83 8.65 -24.85
CA GLU A 244 8.79 9.37 -25.68
C GLU A 244 8.84 10.85 -25.31
N ASN A 245 10.02 11.31 -24.91
CA ASN A 245 10.25 12.71 -24.56
C ASN A 245 9.24 13.20 -23.53
N CYS A 246 9.04 12.41 -22.48
CA CYS A 246 8.09 12.74 -21.43
C CYS A 246 8.72 12.86 -20.05
N ASP A 247 9.99 12.50 -19.89
CA ASP A 247 10.63 12.53 -18.57
C ASP A 247 11.05 13.97 -18.28
N ILE A 248 10.14 14.72 -17.65
CA ILE A 248 10.42 16.09 -17.25
C ILE A 248 11.42 16.18 -16.11
N PHE A 249 11.78 15.03 -15.51
CA PHE A 249 12.74 14.98 -14.41
C PHE A 249 14.08 14.42 -14.86
N GLN A 250 14.37 14.46 -16.17
CA GLN A 250 15.54 13.77 -16.70
C GLN A 250 16.85 14.43 -16.27
N ASN A 251 16.83 15.71 -15.89
CA ASN A 251 18.04 16.40 -15.48
C ASN A 251 18.07 16.71 -13.99
N LEU A 252 17.15 16.14 -13.22
CA LEU A 252 17.30 16.10 -11.78
C LEU A 252 18.39 15.09 -11.41
N THR A 253 19.09 15.37 -10.32
CA THR A 253 20.02 14.38 -9.81
C THR A 253 19.25 13.15 -9.32
N LYS A 254 20.00 12.07 -9.06
CA LYS A 254 19.36 10.81 -8.67
C LYS A 254 18.70 10.93 -7.32
N LYS A 255 19.38 11.55 -6.35
CA LYS A 255 18.77 11.78 -5.04
C LYS A 255 17.60 12.76 -5.13
N GLN A 256 17.71 13.76 -5.99
CA GLN A 256 16.56 14.64 -6.25
C GLN A 256 15.37 13.83 -6.74
N ARG A 257 15.58 12.96 -7.73
CA ARG A 257 14.51 12.09 -8.20
C ARG A 257 13.97 11.20 -7.07
N GLN A 258 14.87 10.65 -6.26
CA GLN A 258 14.46 9.80 -5.16
C GLN A 258 13.67 10.58 -4.11
N SER A 259 14.10 11.81 -3.81
CA SER A 259 13.39 12.62 -2.83
C SER A 259 12.05 13.09 -3.37
N LEU A 260 12.00 13.50 -4.63
CA LEU A 260 10.73 13.94 -5.21
C LEU A 260 9.74 12.78 -5.31
N ARG A 261 10.23 11.59 -5.67
CA ARG A 261 9.33 10.45 -5.81
C ARG A 261 8.66 10.11 -4.47
N LYS A 262 9.42 10.11 -3.39
CA LYS A 262 8.84 9.79 -2.09
C LYS A 262 7.84 10.86 -1.64
N MET A 263 8.18 12.13 -1.85
CA MET A 263 7.27 13.20 -1.47
C MET A 263 5.98 13.15 -2.28
N VAL A 264 6.08 12.88 -3.58
CA VAL A 264 4.88 12.80 -4.41
C VAL A 264 4.00 11.65 -3.98
N ILE A 265 4.61 10.51 -3.63
CA ILE A 265 3.84 9.36 -3.17
C ILE A 265 3.14 9.67 -1.85
N ASP A 266 3.87 10.28 -0.92
CA ASP A 266 3.27 10.63 0.37
C ASP A 266 2.13 11.62 0.21
N ILE A 267 2.23 12.53 -0.77
CA ILE A 267 1.20 13.54 -0.96
C ILE A 267 -0.06 12.92 -1.57
N VAL A 268 0.11 12.15 -2.65
CA VAL A 268 -1.05 11.63 -3.37
C VAL A 268 -1.79 10.60 -2.54
N LEU A 269 -1.06 9.75 -1.82
CA LEU A 269 -1.72 8.78 -0.95
C LEU A 269 -2.53 9.46 0.13
N ALA A 270 -2.16 10.68 0.51
CA ALA A 270 -2.89 11.45 1.51
C ALA A 270 -4.16 12.08 0.96
N THR A 271 -4.40 12.01 -0.35
CA THR A 271 -5.66 12.49 -0.91
C THR A 271 -6.79 11.48 -0.75
N ASP A 272 -6.48 10.26 -0.33
CA ASP A 272 -7.50 9.28 0.03
C ASP A 272 -8.33 9.82 1.19
N MET A 273 -9.64 9.98 0.96
CA MET A 273 -10.51 10.56 1.99
C MET A 273 -10.59 9.71 3.24
N SER A 274 -10.26 8.42 3.16
CA SER A 274 -10.20 7.60 4.37
C SER A 274 -9.10 8.07 5.30
N LYS A 275 -8.10 8.78 4.79
CA LYS A 275 -7.02 9.35 5.58
C LYS A 275 -7.36 10.74 6.11
N HIS A 276 -8.55 11.26 5.83
CA HIS A 276 -8.84 12.67 6.09
C HIS A 276 -8.79 12.98 7.58
N MET A 277 -9.42 12.15 8.41
CA MET A 277 -9.52 12.47 9.83
C MET A 277 -8.16 12.49 10.50
N ASN A 278 -7.32 11.48 10.23
CA ASN A 278 -5.98 11.47 10.80
C ASN A 278 -5.15 12.64 10.27
N LEU A 279 -5.28 12.95 8.99
CA LEU A 279 -4.56 14.08 8.41
C LEU A 279 -5.00 15.39 9.05
N LEU A 280 -6.29 15.51 9.38
CA LEU A 280 -6.79 16.72 10.03
C LEU A 280 -6.38 16.78 11.49
N ALA A 281 -6.35 15.64 12.18
CA ALA A 281 -5.89 15.61 13.56
C ALA A 281 -4.43 16.05 13.66
N ASP A 282 -3.60 15.61 12.72
CA ASP A 282 -2.21 16.06 12.68
C ASP A 282 -2.12 17.55 12.43
N LEU A 283 -2.96 18.07 11.53
CA LEU A 283 -2.94 19.50 11.23
C LEU A 283 -3.41 20.31 12.43
N LYS A 284 -4.40 19.81 13.17
CA LYS A 284 -4.80 20.48 14.40
C LYS A 284 -3.67 20.46 15.43
N THR A 285 -2.99 19.32 15.56
CA THR A 285 -1.85 19.24 16.46
C THR A 285 -0.77 20.24 16.08
N MET A 286 -0.49 20.36 14.78
CA MET A 286 0.54 21.30 14.34
C MET A 286 0.14 22.74 14.61
N VAL A 287 -1.16 23.05 14.45
CA VAL A 287 -1.63 24.41 14.69
C VAL A 287 -1.47 24.78 16.17
N GLU A 288 -1.83 23.86 17.06
CA GLU A 288 -1.77 24.14 18.50
C GLU A 288 -0.34 24.19 19.01
N THR A 289 0.61 23.53 18.34
CA THR A 289 2.01 23.55 18.69
C THR A 289 2.82 24.35 17.66
N LYS A 290 2.19 25.34 17.04
CA LYS A 290 2.75 26.04 15.89
C LYS A 290 3.96 26.87 16.29
N LYS A 291 4.94 26.95 15.40
CA LYS A 291 6.16 27.71 15.61
C LYS A 291 6.46 28.55 14.38
N VAL A 292 6.86 29.80 14.62
CA VAL A 292 7.20 30.74 13.55
C VAL A 292 8.62 31.24 13.76
N THR A 293 9.30 31.53 12.66
CA THR A 293 10.66 32.04 12.72
C THR A 293 10.64 33.54 13.01
N SER A 294 11.84 34.13 13.07
CA SER A 294 11.96 35.58 13.11
C SER A 294 11.61 36.12 11.74
N SER A 295 10.36 36.59 11.61
CA SER A 295 9.71 37.07 10.39
C SER A 295 8.21 36.86 10.56
N GLY A 296 7.84 35.75 11.17
CA GLY A 296 6.47 35.32 11.23
C GLY A 296 6.11 34.23 10.23
N VAL A 297 7.07 33.41 9.84
CA VAL A 297 6.90 32.39 8.82
C VAL A 297 6.94 31.02 9.48
N LEU A 298 6.08 30.11 9.02
CA LEU A 298 5.94 28.80 9.64
C LEU A 298 7.28 28.06 9.70
N LEU A 299 7.57 27.47 10.85
CA LEU A 299 8.83 26.80 11.12
C LEU A 299 8.63 25.28 11.08
N LEU A 300 9.41 24.59 10.25
CA LEU A 300 9.27 23.15 10.04
C LEU A 300 10.65 22.52 9.99
N ASP A 301 11.07 21.88 11.08
CA ASP A 301 12.39 21.26 11.14
C ASP A 301 12.52 20.14 10.14
N ASN A 302 11.60 19.19 10.19
CA ASN A 302 11.82 17.81 9.77
C ASN A 302 10.92 17.43 8.60
N TYR A 303 11.24 16.30 7.98
CA TYR A 303 10.44 15.80 6.88
C TYR A 303 8.99 15.56 7.31
N SER A 304 8.80 14.98 8.50
CA SER A 304 7.45 14.63 8.95
C SER A 304 6.53 15.84 8.96
N ASP A 305 7.03 17.00 9.43
CA ASP A 305 6.20 18.19 9.45
C ASP A 305 6.08 18.81 8.05
N ARG A 306 7.16 18.79 7.27
CA ARG A 306 7.14 19.42 5.95
C ARG A 306 6.21 18.68 4.99
N ILE A 307 6.35 17.35 4.91
CA ILE A 307 5.49 16.58 4.02
C ILE A 307 4.05 16.64 4.50
N GLN A 308 3.83 16.76 5.80
CA GLN A 308 2.47 16.80 6.35
C GLN A 308 1.75 18.08 5.96
N VAL A 309 2.46 19.20 5.96
CA VAL A 309 1.87 20.46 5.50
C VAL A 309 1.55 20.37 4.01
N LEU A 310 2.45 19.79 3.22
CA LEU A 310 2.19 19.64 1.79
C LEU A 310 1.03 18.68 1.54
N GLN A 311 0.94 17.62 2.34
CA GLN A 311 -0.20 16.71 2.22
C GLN A 311 -1.51 17.45 2.46
N ASN A 312 -1.62 18.15 3.59
CA ASN A 312 -2.83 18.90 3.88
C ASN A 312 -3.07 20.01 2.87
N MET A 313 -2.00 20.58 2.31
CA MET A 313 -2.16 21.63 1.30
C MET A 313 -2.83 21.09 0.05
N VAL A 314 -2.30 20.00 -0.50
CA VAL A 314 -2.91 19.40 -1.68
C VAL A 314 -4.28 18.83 -1.35
N HIS A 315 -4.45 18.31 -0.13
CA HIS A 315 -5.75 17.85 0.32
C HIS A 315 -6.75 19.01 0.36
N CYS A 316 -6.31 20.18 0.84
CA CYS A 316 -7.17 21.35 0.84
C CYS A 316 -7.50 21.78 -0.59
N ALA A 317 -6.50 21.80 -1.48
CA ALA A 317 -6.74 22.16 -2.87
C ALA A 317 -7.71 21.18 -3.52
N ASP A 318 -7.59 19.89 -3.19
CA ASP A 318 -8.51 18.89 -3.74
C ASP A 318 -9.93 19.11 -3.25
N LEU A 319 -10.08 19.60 -2.02
CA LEU A 319 -11.38 19.90 -1.43
C LEU A 319 -11.64 21.40 -1.42
N SER A 320 -11.37 22.07 -2.54
CA SER A 320 -11.44 23.52 -2.59
C SER A 320 -12.64 24.07 -3.35
N ASN A 321 -13.48 23.22 -3.94
CA ASN A 321 -14.69 23.72 -4.62
C ASN A 321 -15.51 24.67 -3.74
N PRO A 322 -15.92 24.30 -2.52
CA PRO A 322 -16.81 25.17 -1.76
C PRO A 322 -16.16 26.46 -1.27
N THR A 323 -14.85 26.61 -1.42
CA THR A 323 -14.17 27.84 -1.07
C THR A 323 -14.02 28.79 -2.27
N LYS A 324 -14.38 28.34 -3.46
CA LYS A 324 -14.26 29.13 -4.68
C LYS A 324 -15.49 30.02 -4.85
N PRO A 325 -15.39 31.07 -5.68
CA PRO A 325 -16.58 31.87 -5.99
C PRO A 325 -17.73 30.98 -6.44
N LEU A 326 -18.94 31.39 -6.04
CA LEU A 326 -20.09 30.49 -6.10
C LEU A 326 -20.35 29.94 -7.50
N GLN A 327 -20.05 30.73 -8.55
CA GLN A 327 -20.32 30.26 -9.91
C GLN A 327 -19.37 29.14 -10.30
N LEU A 328 -18.17 29.10 -9.72
CA LEU A 328 -17.29 27.96 -9.90
C LEU A 328 -17.71 26.80 -9.00
N TYR A 329 -18.06 27.10 -7.74
CA TYR A 329 -18.50 26.10 -6.79
C TYR A 329 -19.69 25.30 -7.33
N ARG A 330 -20.70 26.00 -7.84
CA ARG A 330 -21.90 25.33 -8.33
C ARG A 330 -21.58 24.37 -9.47
N GLN A 331 -20.77 24.82 -10.42
CA GLN A 331 -20.39 23.96 -11.55
C GLN A 331 -19.65 22.72 -11.06
N TRP A 332 -18.80 22.87 -10.03
CA TRP A 332 -18.15 21.70 -9.44
C TRP A 332 -19.17 20.79 -8.76
N THR A 333 -20.17 21.38 -8.11
CA THR A 333 -21.19 20.57 -7.44
C THR A 333 -22.06 19.83 -8.44
N ASP A 334 -22.44 20.49 -9.53
CA ASP A 334 -23.19 19.80 -10.59
C ASP A 334 -22.40 18.61 -11.12
N ARG A 335 -21.08 18.73 -11.22
CA ARG A 335 -20.28 17.67 -11.81
C ARG A 335 -20.12 16.49 -10.87
N ILE A 336 -19.86 16.75 -9.59
CA ILE A 336 -19.66 15.64 -8.65
C ILE A 336 -20.98 14.91 -8.40
N MET A 337 -22.10 15.63 -8.44
CA MET A 337 -23.41 14.99 -8.28
C MET A 337 -23.69 14.04 -9.43
N GLU A 338 -23.43 14.50 -10.66
CA GLU A 338 -23.65 13.65 -11.82
C GLU A 338 -22.75 12.42 -11.80
N GLU A 339 -21.51 12.60 -11.36
CA GLU A 339 -20.60 11.46 -11.25
C GLU A 339 -21.08 10.48 -10.18
N PHE A 340 -21.55 11.00 -9.05
CA PHE A 340 -22.12 10.14 -8.01
C PHE A 340 -23.34 9.40 -8.53
N PHE A 341 -24.26 10.13 -9.17
CA PHE A 341 -25.48 9.51 -9.68
C PHE A 341 -25.16 8.40 -10.67
N ARG A 342 -24.16 8.60 -11.52
CA ARG A 342 -23.77 7.55 -12.45
C ARG A 342 -23.25 6.33 -11.70
N GLN A 343 -22.54 6.54 -10.58
CA GLN A 343 -22.11 5.39 -9.79
C GLN A 343 -23.29 4.67 -9.16
N GLY A 344 -24.29 5.41 -8.69
CA GLY A 344 -25.50 4.78 -8.17
C GLY A 344 -26.31 4.08 -9.23
N ASP A 345 -26.24 4.57 -10.47
CA ASP A 345 -26.94 3.90 -11.57
C ASP A 345 -26.31 2.56 -11.90
N ARG A 346 -25.00 2.42 -11.70
CA ARG A 346 -24.35 1.14 -11.86
C ARG A 346 -24.55 0.26 -10.64
N GLU A 347 -24.62 0.87 -9.46
CA GLU A 347 -24.98 0.12 -8.26
C GLU A 347 -26.39 -0.43 -8.36
N ARG A 348 -27.28 0.26 -9.07
CA ARG A 348 -28.64 -0.25 -9.26
C ARG A 348 -28.66 -1.39 -10.26
N GLU A 349 -27.86 -1.29 -11.32
CA GLU A 349 -27.76 -2.35 -12.31
C GLU A 349 -27.04 -3.58 -11.77
N ARG A 350 -26.80 -3.64 -10.45
CA ARG A 350 -26.22 -4.80 -9.81
C ARG A 350 -26.90 -5.16 -8.50
N GLY A 351 -27.95 -4.45 -8.09
CA GLY A 351 -28.63 -4.77 -6.86
C GLY A 351 -27.81 -4.55 -5.60
N MET A 352 -26.76 -3.74 -5.68
CA MET A 352 -25.98 -3.42 -4.49
C MET A 352 -26.58 -2.21 -3.79
N GLU A 353 -26.34 -2.12 -2.48
CA GLU A 353 -26.78 -0.98 -1.70
C GLU A 353 -26.16 0.30 -2.25
N ILE A 354 -27.00 1.30 -2.48
CA ILE A 354 -26.57 2.52 -3.15
C ILE A 354 -25.80 3.40 -2.17
N SER A 355 -24.63 3.86 -2.60
CA SER A 355 -23.73 4.61 -1.75
C SER A 355 -24.34 5.96 -1.35
N PRO A 356 -23.87 6.57 -0.27
CA PRO A 356 -24.39 7.88 0.13
C PRO A 356 -24.17 8.91 -0.96
N MET A 357 -25.24 9.65 -1.28
CA MET A 357 -25.30 10.75 -2.26
C MET A 357 -25.26 10.27 -3.71
N CYS A 358 -25.44 8.98 -3.97
CA CYS A 358 -25.39 8.46 -5.33
C CYS A 358 -26.76 8.09 -5.89
N ASP A 359 -27.82 8.20 -5.08
CA ASP A 359 -29.16 7.83 -5.50
C ASP A 359 -29.88 9.08 -6.02
N LYS A 360 -29.98 9.20 -7.35
CA LYS A 360 -30.62 10.38 -7.94
C LYS A 360 -32.10 10.48 -7.59
N HIS A 361 -32.71 9.38 -7.16
CA HIS A 361 -34.11 9.40 -6.77
C HIS A 361 -34.33 9.76 -5.30
N ASN A 362 -33.25 9.81 -4.50
CA ASN A 362 -33.34 10.16 -3.09
C ASN A 362 -32.26 11.15 -2.67
N ALA A 363 -31.66 11.88 -3.61
CA ALA A 363 -30.57 12.78 -3.31
C ALA A 363 -31.06 14.22 -3.20
N SER A 364 -30.54 14.93 -2.20
CA SER A 364 -30.70 16.37 -2.08
C SER A 364 -29.31 17.00 -2.19
N VAL A 365 -29.10 17.78 -3.25
CA VAL A 365 -27.80 18.41 -3.45
C VAL A 365 -27.53 19.45 -2.36
N GLU A 366 -28.58 20.16 -1.93
CA GLU A 366 -28.39 21.20 -0.92
C GLU A 366 -27.94 20.59 0.41
N LYS A 367 -28.58 19.49 0.83
CA LYS A 367 -28.19 18.85 2.08
C LYS A 367 -26.78 18.25 1.97
N SER A 368 -26.44 17.72 0.81
CA SER A 368 -25.10 17.15 0.62
C SER A 368 -24.03 18.22 0.80
N GLN A 369 -24.23 19.40 0.22
CA GLN A 369 -23.24 20.46 0.33
C GLN A 369 -23.15 20.98 1.75
N VAL A 370 -24.27 21.08 2.45
CA VAL A 370 -24.25 21.57 3.83
C VAL A 370 -23.49 20.60 4.73
N GLY A 371 -23.79 19.30 4.61
CA GLY A 371 -23.07 18.32 5.40
C GLY A 371 -21.62 18.20 5.00
N PHE A 372 -21.34 18.22 3.69
CA PHE A 372 -19.96 18.16 3.20
C PHE A 372 -19.14 19.33 3.73
N ILE A 373 -19.71 20.53 3.74
CA ILE A 373 -19.00 21.69 4.27
C ILE A 373 -18.86 21.58 5.78
N ASP A 374 -19.95 21.23 6.48
CA ASP A 374 -19.94 21.29 7.94
C ASP A 374 -19.05 20.21 8.56
N TYR A 375 -19.00 19.03 7.94
CA TYR A 375 -18.24 17.92 8.52
C TYR A 375 -16.85 17.76 7.95
N ILE A 376 -16.59 18.22 6.73
CA ILE A 376 -15.32 17.93 6.06
C ILE A 376 -14.59 19.21 5.70
N VAL A 377 -15.21 20.05 4.86
CA VAL A 377 -14.48 21.13 4.21
C VAL A 377 -14.22 22.28 5.19
N HIS A 378 -15.21 22.67 5.99
CA HIS A 378 -14.97 23.78 6.89
C HIS A 378 -14.03 23.40 8.03
N PRO A 379 -14.17 22.22 8.66
CA PRO A 379 -13.13 21.81 9.62
C PRO A 379 -11.73 21.82 9.05
N LEU A 380 -11.57 21.32 7.81
CA LEU A 380 -10.26 21.30 7.17
C LEU A 380 -9.76 22.71 6.91
N TRP A 381 -10.58 23.55 6.29
CA TRP A 381 -10.12 24.86 5.87
C TRP A 381 -9.99 25.82 7.05
N GLU A 382 -10.83 25.68 8.07
CA GLU A 382 -10.65 26.48 9.28
C GLU A 382 -9.31 26.16 9.94
N THR A 383 -8.92 24.89 9.92
CA THR A 383 -7.63 24.50 10.51
C THR A 383 -6.47 25.00 9.66
N TRP A 384 -6.59 24.87 8.34
CA TRP A 384 -5.55 25.42 7.46
C TRP A 384 -5.43 26.94 7.64
N ALA A 385 -6.58 27.62 7.74
CA ALA A 385 -6.55 29.07 7.95
C ALA A 385 -5.86 29.42 9.25
N ASP A 386 -6.01 28.57 10.27
CA ASP A 386 -5.28 28.80 11.53
C ASP A 386 -3.78 28.66 11.32
N LEU A 387 -3.37 27.66 10.52
CA LEU A 387 -1.94 27.42 10.32
C LEU A 387 -1.26 28.61 9.65
N VAL A 388 -1.93 29.23 8.69
CA VAL A 388 -1.35 30.30 7.90
C VAL A 388 -2.00 31.65 8.22
N HIS A 389 -2.68 31.76 9.35
CA HIS A 389 -3.42 32.97 9.72
C HIS A 389 -2.55 34.23 9.62
N PRO A 390 -3.08 35.29 8.98
CA PRO A 390 -4.42 35.40 8.42
C PRO A 390 -4.48 35.20 6.91
N ASP A 391 -3.47 34.53 6.35
CA ASP A 391 -3.26 34.52 4.91
C ASP A 391 -4.49 34.04 4.14
N ALA A 392 -5.23 33.08 4.70
CA ALA A 392 -6.33 32.43 4.01
C ALA A 392 -7.70 32.93 4.45
N GLN A 393 -7.79 34.17 4.92
CA GLN A 393 -9.06 34.68 5.43
C GLN A 393 -10.10 34.84 4.33
N ASP A 394 -9.69 35.37 3.18
CA ASP A 394 -10.64 35.56 2.08
C ASP A 394 -11.18 34.23 1.58
N ILE A 395 -10.33 33.20 1.53
CA ILE A 395 -10.78 31.86 1.14
C ILE A 395 -11.79 31.34 2.15
N LEU A 396 -11.47 31.47 3.44
CA LEU A 396 -12.38 31.02 4.49
C LEU A 396 -13.67 31.84 4.51
N ASP A 397 -13.59 33.13 4.20
CA ASP A 397 -14.80 33.96 4.14
C ASP A 397 -15.68 33.52 2.98
N THR A 398 -15.09 33.19 1.84
CA THR A 398 -15.86 32.75 0.69
C THR A 398 -16.56 31.43 0.97
N LEU A 399 -15.86 30.50 1.64
CA LEU A 399 -16.47 29.23 2.00
C LEU A 399 -17.66 29.42 2.92
N GLU A 400 -17.54 30.32 3.90
CA GLU A 400 -18.63 30.54 4.84
C GLU A 400 -19.78 31.30 4.20
N ASP A 401 -19.49 32.20 3.25
CA ASP A 401 -20.56 32.83 2.48
C ASP A 401 -21.32 31.80 1.66
N ASN A 402 -20.59 30.92 0.97
CA ASN A 402 -21.24 29.85 0.21
C ASN A 402 -21.99 28.91 1.13
N ARG A 403 -21.52 28.73 2.37
CA ARG A 403 -22.30 27.98 3.36
C ARG A 403 -23.62 28.69 3.64
N GLU A 404 -23.56 29.99 3.96
CA GLU A 404 -24.77 30.72 4.29
C GLU A 404 -25.66 30.97 3.07
N TRP A 405 -25.13 30.83 1.86
CA TRP A 405 -26.00 30.83 0.69
C TRP A 405 -26.90 29.60 0.69
N TYR A 406 -26.33 28.44 1.02
CA TYR A 406 -27.16 27.24 1.18
C TYR A 406 -28.09 27.38 2.38
N GLN A 407 -27.57 27.88 3.51
CA GLN A 407 -28.38 28.05 4.71
C GLN A 407 -29.64 28.85 4.41
N SER A 408 -29.49 29.97 3.70
CA SER A 408 -30.61 30.86 3.44
C SER A 408 -31.54 30.35 2.34
N THR A 409 -31.13 29.35 1.55
CA THR A 409 -31.93 28.93 0.40
C THR A 409 -32.51 27.53 0.51
N ILE A 410 -32.04 26.69 1.43
CA ILE A 410 -32.55 25.33 1.53
C ILE A 410 -34.05 25.33 1.83
N THR B 86 3.15 -47.05 -6.21
CA THR B 86 4.59 -47.30 -6.22
C THR B 86 5.17 -47.11 -4.83
N GLU B 87 6.31 -47.77 -4.57
CA GLU B 87 7.13 -47.41 -3.42
C GLU B 87 7.48 -45.92 -3.43
N GLN B 88 7.45 -45.29 -4.61
CA GLN B 88 7.69 -43.86 -4.72
C GLN B 88 6.63 -43.05 -3.96
N GLU B 89 5.35 -43.43 -4.14
CA GLU B 89 4.29 -42.70 -3.46
C GLU B 89 4.11 -43.17 -2.02
N ASP B 90 4.49 -44.42 -1.73
CA ASP B 90 4.38 -44.94 -0.37
C ASP B 90 5.24 -44.14 0.60
N VAL B 91 6.46 -43.76 0.18
CA VAL B 91 7.36 -43.06 1.08
C VAL B 91 6.92 -41.62 1.30
N LEU B 92 6.48 -40.94 0.24
CA LEU B 92 5.96 -39.59 0.39
C LEU B 92 4.80 -39.56 1.38
N ALA B 93 3.97 -40.61 1.38
CA ALA B 93 2.83 -40.66 2.28
C ALA B 93 3.25 -40.79 3.74
N LYS B 94 4.31 -41.56 4.01
CA LYS B 94 4.76 -41.68 5.40
C LYS B 94 5.60 -40.49 5.83
N GLU B 95 6.34 -39.88 4.90
CA GLU B 95 6.97 -38.60 5.21
C GLU B 95 5.92 -37.56 5.56
N LEU B 96 4.75 -37.60 4.91
CA LEU B 96 3.69 -36.65 5.18
C LEU B 96 2.97 -36.90 6.50
N GLU B 97 3.21 -38.04 7.15
CA GLU B 97 2.64 -38.26 8.48
C GLU B 97 3.22 -37.31 9.51
N ASP B 98 4.41 -36.76 9.27
CA ASP B 98 5.04 -35.80 10.16
C ASP B 98 4.51 -34.39 9.98
N VAL B 99 3.36 -34.22 9.30
CA VAL B 99 2.89 -32.88 8.94
C VAL B 99 2.53 -32.04 10.15
N ASN B 100 2.31 -32.66 11.31
CA ASN B 100 2.01 -31.94 12.53
C ASN B 100 3.25 -31.65 13.37
N LYS B 101 4.44 -31.93 12.86
CA LYS B 101 5.66 -31.89 13.64
C LYS B 101 6.59 -30.78 13.15
N TRP B 102 7.15 -30.04 14.10
CA TRP B 102 8.27 -29.15 13.81
C TRP B 102 9.43 -29.97 13.27
N GLY B 103 9.97 -29.55 12.13
CA GLY B 103 11.06 -30.28 11.52
C GLY B 103 10.64 -31.30 10.49
N LEU B 104 9.50 -31.09 9.84
CA LEU B 104 9.06 -31.94 8.74
C LEU B 104 10.16 -32.03 7.69
N HIS B 105 10.33 -33.24 7.11
CA HIS B 105 11.32 -33.46 6.07
C HIS B 105 10.83 -32.87 4.74
N VAL B 106 10.83 -31.53 4.70
CA VAL B 106 10.16 -30.82 3.61
C VAL B 106 10.94 -30.94 2.30
N PHE B 107 12.27 -31.07 2.37
CA PHE B 107 13.07 -31.18 1.15
C PHE B 107 12.92 -32.56 0.51
N ARG B 108 12.83 -33.64 1.29
CA ARG B 108 12.57 -34.94 0.68
C ARG B 108 11.16 -35.04 0.15
N ILE B 109 10.19 -34.45 0.87
CA ILE B 109 8.83 -34.33 0.33
C ILE B 109 8.86 -33.59 -1.00
N ALA B 110 9.71 -32.56 -1.12
CA ALA B 110 9.84 -31.83 -2.36
C ALA B 110 10.30 -32.75 -3.49
N GLU B 111 11.32 -33.56 -3.21
CA GLU B 111 11.83 -34.48 -4.24
C GLU B 111 10.82 -35.57 -4.56
N LEU B 112 10.23 -36.18 -3.52
CA LEU B 112 9.33 -37.31 -3.73
C LEU B 112 8.09 -36.91 -4.51
N SER B 113 7.58 -35.71 -4.26
CA SER B 113 6.39 -35.23 -4.95
C SER B 113 6.65 -34.77 -6.37
N GLY B 114 7.90 -34.80 -6.82
CA GLY B 114 8.23 -34.27 -8.14
C GLY B 114 8.27 -32.76 -8.16
N ASN B 115 8.79 -32.14 -7.09
CA ASN B 115 8.79 -30.69 -6.91
C ASN B 115 7.36 -30.15 -6.86
N ARG B 116 6.50 -30.84 -6.10
CA ARG B 116 5.21 -30.27 -5.73
C ARG B 116 5.03 -30.29 -4.21
N PRO B 117 5.96 -29.74 -3.42
CA PRO B 117 5.76 -29.77 -1.97
C PRO B 117 4.56 -28.94 -1.52
N LEU B 118 4.35 -27.76 -2.12
CA LEU B 118 3.25 -26.91 -1.69
C LEU B 118 1.91 -27.60 -1.89
N THR B 119 1.72 -28.22 -3.06
CA THR B 119 0.43 -28.85 -3.37
C THR B 119 0.14 -30.01 -2.44
N VAL B 120 1.14 -30.87 -2.19
CA VAL B 120 0.90 -32.05 -1.38
C VAL B 120 0.80 -31.68 0.10
N ILE B 121 1.57 -30.68 0.54
CA ILE B 121 1.55 -30.29 1.94
C ILE B 121 0.26 -29.55 2.26
N MET B 122 -0.20 -28.68 1.35
CA MET B 122 -1.47 -27.99 1.56
C MET B 122 -2.64 -28.96 1.50
N HIS B 123 -2.63 -29.88 0.52
CA HIS B 123 -3.67 -30.89 0.43
C HIS B 123 -3.74 -31.70 1.73
N THR B 124 -2.58 -32.17 2.21
CA THR B 124 -2.54 -32.92 3.46
C THR B 124 -3.09 -32.09 4.61
N ILE B 125 -2.64 -30.85 4.74
CA ILE B 125 -3.09 -29.99 5.84
C ILE B 125 -4.58 -29.71 5.74
N PHE B 126 -5.09 -29.54 4.52
CA PHE B 126 -6.53 -29.36 4.35
C PHE B 126 -7.28 -30.65 4.68
N GLN B 127 -6.71 -31.81 4.34
CA GLN B 127 -7.30 -33.08 4.76
C GLN B 127 -7.21 -33.23 6.28
N GLU B 128 -6.10 -32.80 6.86
CA GLU B 128 -5.88 -33.00 8.29
C GLU B 128 -6.82 -32.14 9.13
N ARG B 129 -7.09 -30.92 8.69
CA ARG B 129 -7.96 -30.00 9.42
C ARG B 129 -9.41 -30.05 8.97
N ASP B 130 -9.76 -30.99 8.09
CA ASP B 130 -11.14 -31.20 7.66
C ASP B 130 -11.72 -29.96 6.98
N LEU B 131 -10.85 -29.19 6.31
CA LEU B 131 -11.25 -27.91 5.74
C LEU B 131 -12.05 -28.05 4.45
N LEU B 132 -11.80 -29.10 3.67
CA LEU B 132 -12.57 -29.30 2.44
C LEU B 132 -14.05 -29.43 2.74
N LYS B 133 -14.39 -30.26 3.74
CA LYS B 133 -15.79 -30.44 4.10
C LYS B 133 -16.36 -29.19 4.77
N THR B 134 -15.60 -28.59 5.70
CA THR B 134 -16.11 -27.43 6.43
C THR B 134 -16.44 -26.27 5.50
N PHE B 135 -15.73 -26.15 4.38
CA PHE B 135 -15.93 -25.04 3.44
C PHE B 135 -16.36 -25.49 2.06
N LYS B 136 -16.73 -26.77 1.90
CA LYS B 136 -17.21 -27.31 0.62
C LYS B 136 -16.27 -26.94 -0.54
N ILE B 137 -14.99 -27.26 -0.35
CA ILE B 137 -13.99 -27.09 -1.39
C ILE B 137 -13.92 -28.41 -2.17
N PRO B 138 -14.30 -28.43 -3.44
CA PRO B 138 -14.10 -29.65 -4.25
C PRO B 138 -12.62 -29.94 -4.37
N VAL B 139 -12.24 -31.20 -4.13
CA VAL B 139 -10.82 -31.54 -4.01
C VAL B 139 -10.07 -31.18 -5.29
N ASP B 140 -10.69 -31.40 -6.45
CA ASP B 140 -10.02 -31.07 -7.70
C ASP B 140 -9.93 -29.57 -7.92
N THR B 141 -10.84 -28.79 -7.33
CA THR B 141 -10.66 -27.34 -7.32
C THR B 141 -9.46 -26.96 -6.45
N LEU B 142 -9.33 -27.58 -5.28
CA LEU B 142 -8.19 -27.30 -4.41
C LEU B 142 -6.88 -27.68 -5.09
N ILE B 143 -6.81 -28.91 -5.62
CA ILE B 143 -5.59 -29.35 -6.30
C ILE B 143 -5.26 -28.42 -7.46
N THR B 144 -6.27 -28.07 -8.26
CA THR B 144 -6.05 -27.18 -9.40
C THR B 144 -5.51 -25.84 -8.95
N TYR B 145 -6.04 -25.30 -7.85
CA TYR B 145 -5.53 -24.01 -7.37
C TYR B 145 -4.11 -24.15 -6.85
N LEU B 146 -3.84 -25.16 -6.04
CA LEU B 146 -2.51 -25.34 -5.47
C LEU B 146 -1.48 -25.56 -6.57
N MET B 147 -1.81 -26.40 -7.56
CA MET B 147 -0.91 -26.60 -8.69
C MET B 147 -0.64 -25.27 -9.40
N THR B 148 -1.69 -24.49 -9.67
CA THR B 148 -1.51 -23.18 -10.29
C THR B 148 -0.69 -22.27 -9.39
N LEU B 149 -1.01 -22.25 -8.09
CA LEU B 149 -0.26 -21.41 -7.16
C LEU B 149 1.20 -21.81 -7.12
N GLU B 150 1.47 -23.12 -7.00
CA GLU B 150 2.85 -23.59 -6.97
C GLU B 150 3.57 -23.30 -8.27
N ASP B 151 2.84 -23.38 -9.40
CA ASP B 151 3.44 -23.01 -10.69
C ASP B 151 3.99 -21.60 -10.67
N HIS B 152 3.42 -20.71 -9.87
CA HIS B 152 3.80 -19.32 -9.86
C HIS B 152 4.88 -19.00 -8.84
N TYR B 153 5.39 -20.00 -8.11
CA TYR B 153 6.66 -19.87 -7.41
C TYR B 153 7.78 -20.25 -8.37
N HIS B 154 8.81 -19.43 -8.45
CA HIS B 154 9.91 -19.65 -9.39
C HIS B 154 10.79 -20.78 -8.87
N ALA B 155 10.84 -21.89 -9.61
CA ALA B 155 11.68 -23.01 -9.22
C ALA B 155 13.17 -22.69 -9.34
N ASP B 156 13.53 -21.70 -10.15
CA ASP B 156 14.92 -21.29 -10.30
C ASP B 156 15.35 -20.25 -9.28
N VAL B 157 14.51 -19.98 -8.28
CA VAL B 157 14.86 -19.10 -7.18
C VAL B 157 15.21 -19.97 -5.96
N ALA B 158 16.38 -19.73 -5.39
CA ALA B 158 16.97 -20.70 -4.47
C ALA B 158 16.19 -20.82 -3.17
N TYR B 159 15.72 -19.70 -2.62
CA TYR B 159 15.03 -19.71 -1.32
C TYR B 159 13.55 -19.42 -1.45
N HIS B 160 13.17 -18.25 -1.96
CA HIS B 160 11.77 -17.83 -2.02
C HIS B 160 11.06 -18.57 -3.16
N ASN B 161 10.87 -19.87 -2.95
CA ASN B 161 10.26 -20.73 -3.95
C ASN B 161 9.11 -21.49 -3.29
N ASN B 162 8.64 -22.55 -3.97
CA ASN B 162 7.51 -23.32 -3.48
C ASN B 162 7.87 -24.18 -2.27
N ILE B 163 9.15 -24.49 -2.06
CA ILE B 163 9.54 -25.23 -0.87
C ILE B 163 9.43 -24.35 0.37
N HIS B 164 9.88 -23.10 0.26
CA HIS B 164 9.75 -22.16 1.37
C HIS B 164 8.29 -21.91 1.71
N ALA B 165 7.44 -21.75 0.69
CA ALA B 165 6.01 -21.59 0.93
C ALA B 165 5.44 -22.81 1.63
N ALA B 166 5.75 -24.01 1.14
CA ALA B 166 5.31 -25.23 1.79
C ALA B 166 5.81 -25.29 3.23
N ASP B 167 7.03 -24.81 3.48
CA ASP B 167 7.58 -24.81 4.83
C ASP B 167 6.85 -23.82 5.73
N VAL B 168 6.59 -22.62 5.23
CA VAL B 168 5.88 -21.62 6.03
C VAL B 168 4.44 -22.05 6.27
N VAL B 169 3.80 -22.63 5.25
CA VAL B 169 2.48 -23.22 5.42
C VAL B 169 2.48 -24.20 6.59
N GLN B 170 3.38 -25.19 6.51
CA GLN B 170 3.41 -26.26 7.50
C GLN B 170 3.86 -25.73 8.86
N SER B 171 4.72 -24.71 8.90
CA SER B 171 5.12 -24.13 10.17
C SER B 171 3.96 -23.38 10.82
N THR B 172 3.22 -22.61 10.04
CA THR B 172 2.00 -21.97 10.56
C THR B 172 1.01 -23.03 11.02
N HIS B 173 0.89 -24.13 10.27
CA HIS B 173 -0.03 -25.20 10.63
C HIS B 173 0.30 -25.78 12.00
N VAL B 174 1.59 -25.90 12.32
CA VAL B 174 1.98 -26.39 13.64
C VAL B 174 1.73 -25.32 14.69
N LEU B 175 2.12 -24.08 14.41
CA LEU B 175 1.90 -22.99 15.35
C LEU B 175 0.42 -22.75 15.63
N LEU B 176 -0.47 -23.28 14.80
CA LEU B 176 -1.90 -23.18 15.05
C LEU B 176 -2.43 -24.30 15.93
N SER B 177 -1.80 -25.46 15.91
CA SER B 177 -2.20 -26.59 16.74
C SER B 177 -1.67 -26.49 18.16
N THR B 178 -1.04 -25.38 18.51
CA THR B 178 -0.36 -25.27 19.80
C THR B 178 -1.37 -25.20 20.94
N PRO B 179 -1.03 -25.75 22.11
CA PRO B 179 -2.01 -25.82 23.21
C PRO B 179 -2.54 -24.48 23.67
N ALA B 180 -1.69 -23.46 23.79
CA ALA B 180 -2.15 -22.16 24.29
C ALA B 180 -3.05 -21.42 23.32
N LEU B 181 -3.26 -21.94 22.11
CA LEU B 181 -4.13 -21.31 21.13
C LEU B 181 -5.27 -22.22 20.69
N GLU B 182 -5.52 -23.29 21.43
CA GLU B 182 -6.61 -24.22 21.11
C GLU B 182 -7.94 -23.49 21.04
N ALA B 183 -8.61 -23.61 19.90
CA ALA B 183 -9.94 -23.06 19.67
C ALA B 183 -10.00 -21.54 19.90
N VAL B 184 -8.86 -20.85 19.80
CA VAL B 184 -8.86 -19.39 19.86
C VAL B 184 -9.24 -18.79 18.51
N PHE B 185 -9.03 -19.52 17.42
CA PHE B 185 -9.26 -19.02 16.07
C PHE B 185 -10.34 -19.84 15.38
N THR B 186 -11.26 -19.16 14.71
CA THR B 186 -12.34 -19.81 14.00
C THR B 186 -11.78 -20.61 12.81
N ASP B 187 -12.63 -21.52 12.30
CA ASP B 187 -12.28 -22.26 11.08
C ASP B 187 -11.88 -21.30 9.96
N LEU B 188 -12.53 -20.14 9.90
CA LEU B 188 -12.24 -19.16 8.86
C LEU B 188 -10.87 -18.52 9.07
N GLU B 189 -10.58 -18.08 10.30
CA GLU B 189 -9.29 -17.47 10.59
C GLU B 189 -8.15 -18.45 10.35
N ILE B 190 -8.35 -19.71 10.76
CA ILE B 190 -7.38 -20.75 10.45
C ILE B 190 -7.15 -20.83 8.95
N LEU B 191 -8.24 -20.83 8.18
CA LEU B 191 -8.13 -20.83 6.73
C LEU B 191 -7.37 -19.62 6.22
N ALA B 192 -7.49 -18.48 6.91
CA ALA B 192 -6.75 -17.29 6.52
C ALA B 192 -5.25 -17.48 6.75
N ALA B 193 -4.88 -17.98 7.93
CA ALA B 193 -3.46 -18.13 8.26
C ALA B 193 -2.75 -19.09 7.30
N ILE B 194 -3.40 -20.22 6.98
CA ILE B 194 -2.78 -21.19 6.10
C ILE B 194 -2.74 -20.68 4.67
N PHE B 195 -3.85 -20.10 4.20
CA PHE B 195 -3.87 -19.55 2.84
C PHE B 195 -2.88 -18.42 2.68
N ALA B 196 -2.81 -17.52 3.66
CA ALA B 196 -1.84 -16.43 3.59
C ALA B 196 -0.41 -16.97 3.53
N SER B 197 -0.11 -17.98 4.34
CA SER B 197 1.23 -18.57 4.32
C SER B 197 1.54 -19.15 2.95
N ALA B 198 0.54 -19.75 2.29
CA ALA B 198 0.78 -20.39 1.00
C ALA B 198 1.11 -19.38 -0.09
N ILE B 199 0.48 -18.20 -0.03
CA ILE B 199 0.66 -17.20 -1.08
C ILE B 199 1.62 -16.10 -0.67
N HIS B 200 2.16 -16.13 0.55
CA HIS B 200 2.86 -14.97 1.11
C HIS B 200 4.13 -14.62 0.35
N ASP B 201 4.60 -15.48 -0.57
CA ASP B 201 5.76 -15.15 -1.38
C ASP B 201 5.57 -15.53 -2.84
N VAL B 202 4.34 -15.78 -3.28
CA VAL B 202 4.13 -16.30 -4.63
C VAL B 202 4.64 -15.30 -5.66
N ASP B 203 5.26 -15.82 -6.71
CA ASP B 203 5.88 -15.02 -7.77
C ASP B 203 7.02 -14.15 -7.24
N HIS B 204 7.75 -14.65 -6.26
CA HIS B 204 8.91 -13.93 -5.76
C HIS B 204 10.02 -14.00 -6.79
N PRO B 205 10.54 -12.87 -7.28
CA PRO B 205 11.58 -12.90 -8.31
C PRO B 205 12.97 -13.23 -7.80
N GLY B 206 13.16 -13.38 -6.48
CA GLY B 206 14.46 -13.65 -5.92
C GLY B 206 15.28 -12.42 -5.60
N VAL B 207 14.69 -11.23 -5.64
CA VAL B 207 15.36 -9.99 -5.28
C VAL B 207 14.50 -9.25 -4.28
N SER B 208 15.15 -8.38 -3.50
CA SER B 208 14.48 -7.71 -2.40
C SER B 208 13.67 -6.51 -2.88
N ASN B 209 12.88 -5.95 -1.95
CA ASN B 209 12.12 -4.75 -2.24
C ASN B 209 13.04 -3.59 -2.62
N GLN B 210 14.13 -3.41 -1.86
CA GLN B 210 15.03 -2.29 -2.11
C GLN B 210 15.66 -2.40 -3.49
N PHE B 211 16.01 -3.62 -3.92
CA PHE B 211 16.50 -3.82 -5.28
C PHE B 211 15.46 -3.40 -6.29
N LEU B 212 14.22 -3.90 -6.14
CA LEU B 212 13.16 -3.54 -7.08
C LEU B 212 12.93 -2.04 -7.11
N ILE B 213 13.00 -1.38 -5.96
CA ILE B 213 12.87 0.07 -5.91
C ILE B 213 14.03 0.73 -6.64
N ASN B 214 15.26 0.29 -6.34
CA ASN B 214 16.45 0.95 -6.88
C ASN B 214 16.66 0.70 -8.36
N THR B 215 16.09 -0.36 -8.91
CA THR B 215 16.20 -0.64 -10.34
C THR B 215 15.02 -0.07 -11.13
N ASN B 216 14.14 0.71 -10.48
CA ASN B 216 12.96 1.28 -11.12
C ASN B 216 12.16 0.21 -11.85
N SER B 217 11.93 -0.91 -11.15
CA SER B 217 11.26 -2.04 -11.74
C SER B 217 9.77 -1.76 -11.95
N GLU B 218 9.14 -2.57 -12.79
CA GLU B 218 7.71 -2.45 -13.01
C GLU B 218 6.93 -2.70 -11.73
N LEU B 219 7.43 -3.56 -10.84
CA LEU B 219 6.75 -3.84 -9.59
C LEU B 219 6.76 -2.64 -8.66
N ALA B 220 7.93 -2.02 -8.48
CA ALA B 220 8.02 -0.84 -7.62
C ALA B 220 7.20 0.32 -8.19
N LEU B 221 7.20 0.46 -9.52
CA LEU B 221 6.38 1.48 -10.15
C LEU B 221 4.89 1.24 -9.89
N MET B 222 4.47 -0.02 -9.95
CA MET B 222 3.07 -0.35 -9.72
C MET B 222 2.66 -0.02 -8.28
N TYR B 223 3.52 -0.31 -7.31
CA TYR B 223 3.15 -0.29 -5.90
C TYR B 223 3.77 0.87 -5.13
N ASN B 224 4.38 1.83 -5.81
CA ASN B 224 4.84 3.08 -5.19
C ASN B 224 5.81 2.81 -4.04
N ASP B 225 6.70 1.84 -4.24
CA ASP B 225 7.82 1.50 -3.38
C ASP B 225 7.42 0.97 -2.01
N SER B 226 6.12 0.77 -1.74
CA SER B 226 5.63 0.38 -0.43
C SER B 226 5.23 -1.09 -0.45
N SER B 227 5.94 -1.90 0.34
CA SER B 227 5.68 -3.35 0.45
C SER B 227 5.45 -3.96 -0.93
N VAL B 228 6.41 -3.71 -1.83
CA VAL B 228 6.22 -4.01 -3.24
C VAL B 228 5.98 -5.51 -3.45
N LEU B 229 6.89 -6.33 -2.94
CA LEU B 229 6.74 -7.77 -3.08
C LEU B 229 5.47 -8.26 -2.40
N GLU B 230 5.24 -7.81 -1.16
CA GLU B 230 4.13 -8.34 -0.37
C GLU B 230 2.79 -7.98 -0.98
N ASN B 231 2.67 -6.78 -1.56
CA ASN B 231 1.46 -6.44 -2.30
C ASN B 231 1.31 -7.32 -3.53
N HIS B 232 2.44 -7.66 -4.18
CA HIS B 232 2.38 -8.47 -5.38
C HIS B 232 2.01 -9.92 -5.05
N HIS B 233 2.58 -10.48 -3.98
CA HIS B 233 2.21 -11.83 -3.55
C HIS B 233 0.71 -11.93 -3.32
N LEU B 234 0.14 -10.95 -2.60
CA LEU B 234 -1.29 -10.94 -2.36
C LEU B 234 -2.07 -10.86 -3.66
N ALA B 235 -1.65 -9.96 -4.56
CA ALA B 235 -2.40 -9.75 -5.80
C ALA B 235 -2.42 -11.01 -6.65
N VAL B 236 -1.29 -11.71 -6.75
CA VAL B 236 -1.25 -12.95 -7.52
C VAL B 236 -2.02 -14.06 -6.82
N GLY B 237 -1.83 -14.16 -5.50
CA GLY B 237 -2.52 -15.21 -4.75
C GLY B 237 -4.03 -15.14 -4.87
N PHE B 238 -4.58 -13.93 -4.83
CA PHE B 238 -6.01 -13.77 -5.03
C PHE B 238 -6.40 -13.92 -6.49
N LYS B 239 -5.59 -13.36 -7.40
CA LYS B 239 -5.91 -13.42 -8.82
C LYS B 239 -6.05 -14.84 -9.32
N LEU B 240 -5.16 -15.73 -8.88
CA LEU B 240 -5.18 -17.11 -9.36
C LEU B 240 -6.48 -17.83 -9.02
N LEU B 241 -7.26 -17.33 -8.07
CA LEU B 241 -8.56 -17.92 -7.77
C LEU B 241 -9.54 -17.78 -8.93
N GLN B 242 -9.28 -16.88 -9.87
CA GLN B 242 -10.20 -16.63 -10.98
C GLN B 242 -9.92 -17.51 -12.19
N GLU B 243 -8.84 -18.28 -12.18
CA GLU B 243 -8.59 -19.22 -13.26
C GLU B 243 -9.61 -20.37 -13.21
N GLU B 244 -9.67 -21.14 -14.29
CA GLU B 244 -10.71 -22.14 -14.45
C GLU B 244 -10.62 -23.19 -13.35
N ASN B 245 -11.69 -23.30 -12.55
CA ASN B 245 -11.79 -24.27 -11.47
C ASN B 245 -10.68 -24.07 -10.43
N CYS B 246 -10.44 -22.81 -10.06
CA CYS B 246 -9.45 -22.47 -9.05
C CYS B 246 -10.02 -21.78 -7.83
N ASP B 247 -11.30 -21.40 -7.84
CA ASP B 247 -11.92 -20.68 -6.72
C ASP B 247 -12.23 -21.69 -5.62
N ILE B 248 -11.26 -21.88 -4.71
CA ILE B 248 -11.48 -22.73 -3.55
C ILE B 248 -12.38 -22.09 -2.52
N PHE B 249 -12.72 -20.81 -2.69
CA PHE B 249 -13.60 -20.09 -1.77
C PHE B 249 -15.01 -19.93 -2.34
N GLN B 250 -15.37 -20.72 -3.35
CA GLN B 250 -16.61 -20.49 -4.07
C GLN B 250 -17.85 -20.70 -3.19
N ASN B 251 -17.76 -21.59 -2.20
CA ASN B 251 -18.89 -21.89 -1.33
C ASN B 251 -18.80 -21.19 0.01
N LEU B 252 -17.97 -20.15 0.12
CA LEU B 252 -17.98 -19.26 1.27
C LEU B 252 -19.03 -18.18 1.06
N THR B 253 -19.58 -17.68 2.17
CA THR B 253 -20.60 -16.65 2.08
C THR B 253 -19.95 -15.30 1.74
N LYS B 254 -20.82 -14.33 1.41
CA LYS B 254 -20.38 -12.98 1.07
C LYS B 254 -19.43 -12.42 2.12
N LYS B 255 -19.88 -12.37 3.38
CA LYS B 255 -19.08 -11.78 4.44
C LYS B 255 -17.85 -12.63 4.76
N GLN B 256 -17.94 -13.95 4.60
CA GLN B 256 -16.79 -14.81 4.84
C GLN B 256 -15.67 -14.51 3.86
N ARG B 257 -16.01 -14.34 2.57
CA ARG B 257 -14.98 -13.99 1.58
C ARG B 257 -14.34 -12.65 1.90
N GLN B 258 -15.15 -11.68 2.36
CA GLN B 258 -14.60 -10.36 2.68
C GLN B 258 -13.71 -10.41 3.91
N SER B 259 -14.14 -11.13 4.95
CA SER B 259 -13.33 -11.20 6.16
C SER B 259 -12.04 -11.99 5.93
N LEU B 260 -12.13 -13.09 5.19
CA LEU B 260 -10.93 -13.84 4.80
C LEU B 260 -9.98 -12.97 4.00
N ARG B 261 -10.52 -12.21 3.04
CA ARG B 261 -9.69 -11.36 2.18
C ARG B 261 -8.90 -10.36 3.02
N LYS B 262 -9.57 -9.65 3.93
CA LYS B 262 -8.89 -8.64 4.73
C LYS B 262 -7.84 -9.26 5.64
N MET B 263 -8.14 -10.42 6.23
CA MET B 263 -7.19 -11.05 7.14
C MET B 263 -5.93 -11.50 6.39
N VAL B 264 -6.10 -12.12 5.22
CA VAL B 264 -4.95 -12.50 4.41
C VAL B 264 -4.12 -11.29 4.05
N ILE B 265 -4.78 -10.17 3.71
CA ILE B 265 -4.07 -8.95 3.36
C ILE B 265 -3.22 -8.46 4.54
N ASP B 266 -3.85 -8.31 5.70
CA ASP B 266 -3.13 -7.84 6.88
C ASP B 266 -1.98 -8.78 7.26
N ILE B 267 -2.15 -10.07 7.02
CA ILE B 267 -1.13 -11.04 7.40
C ILE B 267 0.08 -10.94 6.47
N VAL B 268 -0.16 -11.03 5.16
CA VAL B 268 0.96 -11.06 4.21
C VAL B 268 1.69 -9.72 4.21
N LEU B 269 0.96 -8.61 4.29
CA LEU B 269 1.60 -7.30 4.36
C LEU B 269 2.50 -7.20 5.58
N ALA B 270 2.20 -7.95 6.64
CA ALA B 270 3.02 -7.93 7.85
C ALA B 270 4.30 -8.74 7.72
N THR B 271 4.45 -9.54 6.66
CA THR B 271 5.70 -10.26 6.45
C THR B 271 6.82 -9.36 5.96
N ASP B 272 6.49 -8.16 5.49
CA ASP B 272 7.49 -7.18 5.10
C ASP B 272 8.41 -6.89 6.28
N MET B 273 9.71 -7.16 6.11
CA MET B 273 10.66 -6.99 7.19
C MET B 273 10.81 -5.53 7.63
N SER B 274 10.39 -4.58 6.79
CA SER B 274 10.41 -3.17 7.21
C SER B 274 9.37 -2.88 8.28
N LYS B 275 8.49 -3.83 8.59
CA LYS B 275 7.51 -3.69 9.65
C LYS B 275 7.83 -4.54 10.87
N HIS B 276 8.98 -5.24 10.87
CA HIS B 276 9.27 -6.20 11.93
C HIS B 276 9.35 -5.55 13.30
N MET B 277 9.99 -4.38 13.38
CA MET B 277 10.21 -3.76 14.69
C MET B 277 8.90 -3.28 15.31
N ASN B 278 8.06 -2.60 14.53
CA ASN B 278 6.75 -2.21 15.05
C ASN B 278 5.88 -3.43 15.32
N LEU B 279 6.01 -4.47 14.51
CA LEU B 279 5.26 -5.70 14.75
C LEU B 279 5.70 -6.37 16.04
N LEU B 280 7.01 -6.35 16.32
CA LEU B 280 7.53 -7.00 17.52
C LEU B 280 7.19 -6.20 18.77
N ALA B 281 7.21 -4.86 18.67
CA ALA B 281 6.88 -4.03 19.82
C ALA B 281 5.46 -4.30 20.30
N ASP B 282 4.50 -4.35 19.36
CA ASP B 282 3.11 -4.63 19.73
C ASP B 282 2.96 -6.04 20.27
N LEU B 283 3.79 -6.99 19.82
CA LEU B 283 3.76 -8.33 20.39
C LEU B 283 4.27 -8.31 21.83
N LYS B 284 5.28 -7.49 22.11
CA LYS B 284 5.74 -7.32 23.50
C LYS B 284 4.66 -6.67 24.34
N THR B 285 4.06 -5.59 23.84
CA THR B 285 2.98 -4.91 24.54
C THR B 285 1.86 -5.88 24.90
N MET B 286 1.44 -6.70 23.94
CA MET B 286 0.43 -7.71 24.22
C MET B 286 0.92 -8.73 25.24
N VAL B 287 2.21 -9.04 25.23
CA VAL B 287 2.77 -9.98 26.20
C VAL B 287 2.76 -9.38 27.60
N GLU B 288 3.10 -8.09 27.71
CA GLU B 288 3.12 -7.45 29.01
C GLU B 288 1.76 -7.49 29.70
N THR B 289 0.68 -7.55 28.92
CA THR B 289 -0.68 -7.50 29.44
C THR B 289 -1.47 -8.76 29.05
N LYS B 290 -0.77 -9.86 28.82
CA LYS B 290 -1.46 -11.07 28.38
C LYS B 290 -2.37 -11.60 29.47
N LYS B 291 -3.50 -12.16 29.05
CA LYS B 291 -4.49 -12.73 29.96
C LYS B 291 -4.79 -14.14 29.51
N VAL B 292 -4.77 -15.09 30.46
CA VAL B 292 -4.92 -16.50 30.15
C VAL B 292 -5.89 -17.14 31.13
N THR B 293 -6.46 -18.26 30.71
CA THR B 293 -7.36 -19.05 31.54
C THR B 293 -6.55 -19.89 32.51
N SER B 294 -7.21 -20.85 33.16
CA SER B 294 -6.53 -21.98 33.75
C SER B 294 -6.40 -23.05 32.68
N SER B 295 -5.25 -23.74 32.68
CA SER B 295 -4.74 -24.65 31.65
C SER B 295 -3.79 -23.91 30.71
N GLY B 296 -3.97 -22.61 30.56
CA GLY B 296 -3.05 -21.78 29.82
C GLY B 296 -3.47 -21.42 28.40
N VAL B 297 -4.76 -21.29 28.14
CA VAL B 297 -5.25 -20.83 26.85
C VAL B 297 -5.34 -19.31 26.86
N LEU B 298 -4.98 -18.70 25.74
CA LEU B 298 -4.81 -17.26 25.62
C LEU B 298 -6.11 -16.59 25.20
N LEU B 299 -6.38 -15.42 25.80
CA LEU B 299 -7.60 -14.64 25.55
C LEU B 299 -7.27 -13.43 24.70
N LEU B 300 -7.88 -13.36 23.52
CA LEU B 300 -7.95 -12.13 22.73
C LEU B 300 -9.42 -11.76 22.60
N ASP B 301 -9.69 -10.48 22.32
CA ASP B 301 -11.07 -10.01 22.36
C ASP B 301 -11.52 -9.39 21.04
N ASN B 302 -10.92 -8.28 20.62
CA ASN B 302 -11.35 -7.59 19.42
C ASN B 302 -10.86 -8.28 18.16
N TYR B 303 -10.66 -7.52 17.08
CA TYR B 303 -9.96 -8.00 15.90
C TYR B 303 -8.52 -7.52 15.84
N SER B 304 -8.24 -6.34 16.41
CA SER B 304 -6.90 -5.77 16.44
C SER B 304 -5.92 -6.57 17.26
N ASP B 305 -6.36 -7.64 17.92
CA ASP B 305 -5.47 -8.56 18.62
C ASP B 305 -5.47 -9.97 18.04
N ARG B 306 -6.60 -10.41 17.46
CA ARG B 306 -6.61 -11.65 16.71
C ARG B 306 -5.62 -11.60 15.56
N ILE B 307 -5.68 -10.53 14.78
CA ILE B 307 -4.95 -10.46 13.53
C ILE B 307 -3.45 -10.30 13.79
N GLN B 308 -3.09 -9.52 14.82
CA GLN B 308 -1.69 -9.28 15.13
C GLN B 308 -1.01 -10.54 15.63
N VAL B 309 -1.73 -11.38 16.38
CA VAL B 309 -1.20 -12.69 16.74
C VAL B 309 -1.00 -13.55 15.50
N LEU B 310 -1.98 -13.54 14.59
CA LEU B 310 -1.82 -14.23 13.32
C LEU B 310 -0.72 -13.58 12.48
N GLN B 311 -0.61 -12.24 12.55
CA GLN B 311 0.48 -11.55 11.88
C GLN B 311 1.83 -12.01 12.39
N ASN B 312 2.04 -11.98 13.71
CA ASN B 312 3.30 -12.41 14.28
C ASN B 312 3.51 -13.91 14.10
N MET B 313 2.43 -14.69 14.04
CA MET B 313 2.56 -16.13 13.85
C MET B 313 3.15 -16.45 12.47
N VAL B 314 2.54 -15.93 11.41
CA VAL B 314 3.07 -16.14 10.07
C VAL B 314 4.43 -15.49 9.91
N HIS B 315 4.63 -14.35 10.57
CA HIS B 315 5.95 -13.72 10.62
C HIS B 315 6.97 -14.63 11.29
N CYS B 316 6.55 -15.32 12.36
CA CYS B 316 7.42 -16.29 13.01
C CYS B 316 7.68 -17.49 12.12
N ALA B 317 6.64 -18.00 11.46
CA ALA B 317 6.81 -19.15 10.57
C ALA B 317 7.72 -18.81 9.41
N ASP B 318 7.64 -17.58 8.91
CA ASP B 318 8.54 -17.13 7.84
C ASP B 318 9.97 -16.99 8.34
N LEU B 319 10.13 -16.65 9.61
CA LEU B 319 11.43 -16.55 10.26
C LEU B 319 11.70 -17.74 11.17
N SER B 320 11.30 -18.93 10.73
CA SER B 320 11.43 -20.13 11.55
C SER B 320 12.59 -21.03 11.15
N ASN B 321 13.26 -20.74 10.04
CA ASN B 321 14.41 -21.54 9.61
C ASN B 321 15.44 -21.75 10.72
N PRO B 322 15.88 -20.73 11.46
CA PRO B 322 16.89 -20.99 12.50
C PRO B 322 16.38 -21.77 13.70
N THR B 323 15.07 -22.01 13.79
CA THR B 323 14.49 -22.78 14.87
C THR B 323 14.26 -24.24 14.50
N LYS B 324 14.54 -24.62 13.27
CA LYS B 324 14.38 -25.99 12.79
C LYS B 324 15.62 -26.81 13.10
N PRO B 325 15.51 -28.14 13.04
CA PRO B 325 16.71 -28.98 13.22
C PRO B 325 17.85 -28.51 12.33
N LEU B 326 19.07 -28.56 12.89
CA LEU B 326 20.23 -27.92 12.26
C LEU B 326 20.39 -28.34 10.81
N GLN B 327 20.19 -29.62 10.51
CA GLN B 327 20.32 -30.07 9.12
C GLN B 327 19.34 -29.36 8.21
N LEU B 328 18.14 -29.04 8.70
CA LEU B 328 17.20 -28.23 7.92
C LEU B 328 17.64 -26.77 7.85
N TYR B 329 18.02 -26.21 9.00
CA TYR B 329 18.47 -24.81 9.06
C TYR B 329 19.61 -24.54 8.08
N ARG B 330 20.56 -25.46 8.01
CA ARG B 330 21.74 -25.23 7.16
C ARG B 330 21.38 -25.27 5.68
N GLN B 331 20.45 -26.14 5.29
CA GLN B 331 20.02 -26.15 3.90
C GLN B 331 19.25 -24.88 3.54
N TRP B 332 18.49 -24.33 4.49
CA TRP B 332 17.86 -23.04 4.25
C TRP B 332 18.92 -21.94 4.19
N THR B 333 19.96 -22.03 5.01
CA THR B 333 21.02 -21.03 4.99
C THR B 333 21.77 -21.05 3.67
N ASP B 334 22.08 -22.24 3.16
CA ASP B 334 22.73 -22.34 1.85
C ASP B 334 21.86 -21.72 0.77
N ARG B 335 20.54 -21.89 0.87
CA ARG B 335 19.65 -21.42 -0.18
C ARG B 335 19.47 -19.90 -0.13
N ILE B 336 19.34 -19.33 1.08
CA ILE B 336 19.16 -17.89 1.17
C ILE B 336 20.45 -17.17 0.81
N MET B 337 21.61 -17.80 1.03
CA MET B 337 22.87 -17.16 0.67
C MET B 337 23.09 -17.20 -0.84
N GLU B 338 22.73 -18.31 -1.49
CA GLU B 338 22.83 -18.38 -2.94
C GLU B 338 21.91 -17.36 -3.60
N GLU B 339 20.72 -17.16 -3.03
CA GLU B 339 19.80 -16.16 -3.58
C GLU B 339 20.32 -14.75 -3.32
N PHE B 340 20.84 -14.50 -2.11
CA PHE B 340 21.45 -13.21 -1.83
C PHE B 340 22.61 -12.94 -2.77
N PHE B 341 23.49 -13.93 -2.96
CA PHE B 341 24.64 -13.75 -3.82
C PHE B 341 24.24 -13.49 -5.27
N ARG B 342 23.22 -14.21 -5.74
CA ARG B 342 22.76 -13.99 -7.11
C ARG B 342 22.11 -12.61 -7.27
N GLN B 343 21.56 -12.05 -6.20
CA GLN B 343 21.15 -10.65 -6.24
C GLN B 343 22.37 -9.74 -6.29
N GLY B 344 23.37 -10.02 -5.47
CA GLY B 344 24.58 -9.21 -5.48
C GLY B 344 25.29 -9.20 -6.82
N ASP B 345 25.24 -10.33 -7.54
CA ASP B 345 25.80 -10.36 -8.89
C ASP B 345 24.96 -9.51 -9.84
N ARG B 346 23.63 -9.66 -9.78
CA ARG B 346 22.76 -8.77 -10.53
C ARG B 346 22.99 -7.32 -10.16
N GLU B 347 23.32 -7.05 -8.90
CA GLU B 347 23.62 -5.68 -8.49
C GLU B 347 24.96 -5.22 -9.03
N ARG B 348 26.00 -6.04 -8.86
CA ARG B 348 27.34 -5.66 -9.29
C ARG B 348 27.39 -5.44 -10.80
N GLU B 349 26.66 -6.26 -11.57
CA GLU B 349 26.69 -6.14 -13.02
C GLU B 349 25.99 -4.89 -13.53
N ARG B 350 25.06 -4.33 -12.77
CA ARG B 350 24.48 -3.03 -13.06
C ARG B 350 25.24 -1.90 -12.38
N GLY B 351 26.31 -2.21 -11.66
CA GLY B 351 27.04 -1.20 -10.95
C GLY B 351 26.28 -0.55 -9.82
N MET B 352 25.50 -1.32 -9.07
CA MET B 352 24.75 -0.81 -7.95
C MET B 352 25.47 -1.11 -6.63
N GLU B 353 25.12 -0.33 -5.61
CA GLU B 353 25.47 -0.68 -4.25
C GLU B 353 25.05 -2.11 -3.97
N ILE B 354 25.97 -2.89 -3.40
CA ILE B 354 25.68 -4.28 -3.07
C ILE B 354 25.04 -4.32 -1.70
N SER B 355 23.82 -4.85 -1.63
CA SER B 355 23.06 -4.85 -0.39
C SER B 355 23.79 -5.66 0.67
N PRO B 356 23.51 -5.40 1.96
CA PRO B 356 24.00 -6.30 3.01
C PRO B 356 23.72 -7.75 2.67
N MET B 357 24.72 -8.61 2.86
CA MET B 357 24.65 -10.07 2.75
C MET B 357 24.77 -10.60 1.32
N CYS B 358 24.83 -9.74 0.30
CA CYS B 358 24.70 -10.18 -1.08
C CYS B 358 26.01 -10.24 -1.84
N ASP B 359 27.13 -9.83 -1.23
CA ASP B 359 28.43 -9.85 -1.89
C ASP B 359 29.16 -11.14 -1.52
N LYS B 360 29.24 -12.07 -2.47
CA LYS B 360 29.91 -13.34 -2.24
C LYS B 360 31.42 -13.18 -2.03
N HIS B 361 31.99 -12.02 -2.34
CA HIS B 361 33.42 -11.81 -2.20
C HIS B 361 33.80 -11.22 -0.85
N ASN B 362 32.83 -10.80 -0.04
CA ASN B 362 33.08 -10.25 1.28
C ASN B 362 32.01 -10.73 2.25
N ALA B 363 31.57 -11.97 2.10
CA ALA B 363 30.52 -12.52 2.95
C ALA B 363 31.12 -13.18 4.18
N SER B 364 30.29 -13.25 5.23
CA SER B 364 30.62 -13.95 6.48
C SER B 364 29.34 -14.68 6.90
N VAL B 365 29.09 -15.82 6.25
CA VAL B 365 27.81 -16.52 6.39
C VAL B 365 27.55 -16.87 7.86
N GLU B 366 28.58 -17.31 8.57
CA GLU B 366 28.39 -17.77 9.94
C GLU B 366 28.13 -16.59 10.88
N LYS B 367 28.94 -15.53 10.76
CA LYS B 367 28.74 -14.36 11.60
C LYS B 367 27.40 -13.70 11.32
N SER B 368 26.98 -13.72 10.05
CA SER B 368 25.70 -13.12 9.69
C SER B 368 24.53 -13.85 10.34
N GLN B 369 24.60 -15.18 10.42
CA GLN B 369 23.54 -15.94 11.04
C GLN B 369 23.47 -15.67 12.54
N VAL B 370 24.63 -15.48 13.19
CA VAL B 370 24.63 -15.17 14.61
C VAL B 370 24.02 -13.79 14.86
N GLY B 371 24.39 -12.79 14.06
CA GLY B 371 23.80 -11.48 14.21
C GLY B 371 22.31 -11.47 13.88
N PHE B 372 21.93 -12.19 12.82
CA PHE B 372 20.52 -12.27 12.44
C PHE B 372 19.70 -12.92 13.54
N ILE B 373 20.24 -13.96 14.18
CA ILE B 373 19.55 -14.58 15.31
C ILE B 373 19.49 -13.61 16.48
N ASP B 374 20.64 -13.06 16.87
CA ASP B 374 20.70 -12.22 18.06
C ASP B 374 19.80 -11.00 17.95
N TYR B 375 19.79 -10.34 16.79
CA TYR B 375 19.10 -9.07 16.65
C TYR B 375 17.68 -9.18 16.10
N ILE B 376 17.37 -10.25 15.36
CA ILE B 376 16.04 -10.37 14.75
C ILE B 376 15.32 -11.62 15.24
N VAL B 377 15.86 -12.79 14.93
CA VAL B 377 15.09 -14.03 15.09
C VAL B 377 14.85 -14.34 16.57
N HIS B 378 15.86 -14.14 17.41
CA HIS B 378 15.71 -14.53 18.81
C HIS B 378 14.79 -13.59 19.57
N PRO B 379 14.90 -12.26 19.42
CA PRO B 379 13.90 -11.38 20.06
C PRO B 379 12.48 -11.70 19.63
N LEU B 380 12.27 -12.04 18.37
CA LEU B 380 10.93 -12.39 17.90
C LEU B 380 10.43 -13.67 18.57
N TRP B 381 11.25 -14.73 18.55
CA TRP B 381 10.79 -16.02 19.04
C TRP B 381 10.76 -16.08 20.57
N GLU B 382 11.61 -15.31 21.24
CA GLU B 382 11.49 -15.18 22.69
C GLU B 382 10.14 -14.57 23.06
N THR B 383 9.79 -13.46 22.40
CA THR B 383 8.52 -12.81 22.65
C THR B 383 7.35 -13.74 22.32
N TRP B 384 7.46 -14.50 21.24
CA TRP B 384 6.42 -15.48 20.94
C TRP B 384 6.37 -16.56 22.00
N ALA B 385 7.53 -16.94 22.55
CA ALA B 385 7.58 -18.00 23.55
C ALA B 385 6.90 -17.55 24.85
N ASP B 386 7.09 -16.28 25.24
CA ASP B 386 6.39 -15.78 26.42
C ASP B 386 4.88 -15.77 26.20
N LEU B 387 4.45 -15.36 25.01
CA LEU B 387 3.01 -15.24 24.74
C LEU B 387 2.30 -16.59 24.82
N VAL B 388 3.01 -17.68 24.56
CA VAL B 388 2.40 -19.00 24.47
C VAL B 388 3.02 -19.96 25.47
N HIS B 389 3.71 -19.43 26.48
CA HIS B 389 4.38 -20.21 27.54
C HIS B 389 3.53 -21.39 28.02
N PRO B 390 4.13 -22.59 28.06
CA PRO B 390 5.49 -22.95 27.66
C PRO B 390 5.58 -23.65 26.31
N ASP B 391 4.54 -23.50 25.50
CA ASP B 391 4.33 -24.40 24.36
C ASP B 391 5.45 -24.32 23.33
N ALA B 392 6.16 -23.19 23.26
CA ALA B 392 7.19 -22.99 22.24
C ALA B 392 8.60 -23.18 22.80
N GLN B 393 8.75 -23.90 23.91
CA GLN B 393 10.06 -24.02 24.54
C GLN B 393 11.01 -24.84 23.67
N ASP B 394 10.55 -25.98 23.15
CA ASP B 394 11.38 -26.80 22.29
C ASP B 394 11.84 -26.02 21.06
N ILE B 395 10.94 -25.25 20.46
CA ILE B 395 11.30 -24.41 19.31
C ILE B 395 12.38 -23.41 19.71
N LEU B 396 12.16 -22.70 20.82
CA LEU B 396 13.16 -21.74 21.29
C LEU B 396 14.46 -22.43 21.63
N ASP B 397 14.39 -23.63 22.23
CA ASP B 397 15.59 -24.36 22.58
C ASP B 397 16.42 -24.67 21.35
N THR B 398 15.78 -25.15 20.28
CA THR B 398 16.50 -25.44 19.05
C THR B 398 17.20 -24.19 18.50
N LEU B 399 16.52 -23.04 18.60
CA LEU B 399 17.09 -21.79 18.08
C LEU B 399 18.38 -21.42 18.80
N GLU B 400 18.40 -21.58 20.11
CA GLU B 400 19.60 -21.21 20.88
C GLU B 400 20.69 -22.26 20.75
N ASP B 401 20.33 -23.53 20.54
CA ASP B 401 21.34 -24.52 20.17
C ASP B 401 21.98 -24.16 18.84
N ASN B 402 21.17 -23.80 17.85
CA ASN B 402 21.69 -23.50 16.52
C ASN B 402 22.52 -22.22 16.52
N ARG B 403 22.13 -21.23 17.33
CA ARG B 403 22.94 -20.03 17.46
C ARG B 403 24.31 -20.37 18.03
N GLU B 404 24.33 -21.10 19.15
CA GLU B 404 25.59 -21.53 19.76
C GLU B 404 26.45 -22.31 18.78
N TRP B 405 25.82 -23.13 17.92
CA TRP B 405 26.58 -23.91 16.95
C TRP B 405 27.23 -23.00 15.91
N TYR B 406 26.43 -22.12 15.30
CA TYR B 406 26.98 -21.22 14.26
C TYR B 406 28.08 -20.34 14.83
N GLN B 407 27.96 -19.92 16.08
CA GLN B 407 29.03 -19.17 16.71
C GLN B 407 30.30 -20.00 16.83
N SER B 408 30.16 -21.31 17.08
CA SER B 408 31.32 -22.17 17.22
C SER B 408 32.03 -22.39 15.89
N THR B 409 31.31 -22.27 14.77
CA THR B 409 31.93 -22.38 13.46
C THR B 409 32.75 -21.15 13.10
N ILE B 410 32.69 -20.10 13.92
CA ILE B 410 33.52 -18.91 13.72
C ILE B 410 34.82 -19.12 14.49
N PRO B 411 35.96 -19.21 13.81
CA PRO B 411 37.26 -19.50 14.45
C PRO B 411 37.70 -18.39 15.40
#